data_6FT7
#
_entry.id   6FT7
#
_cell.length_a   61.760
_cell.length_b   116.830
_cell.length_c   69.910
_cell.angle_alpha   90.00
_cell.angle_beta   92.75
_cell.angle_gamma   90.00
#
_symmetry.space_group_name_H-M   'P 1 21 1'
#
loop_
_entity.id
_entity.type
_entity.pdbx_description
1 polymer 'Dual specificity protein kinase CLK3'
2 non-polymer 'IODIDE ION'
3 non-polymer 1,2-ETHANEDIOL
4 non-polymer 3-phenyl-1~{H}-pyrrolo[3,4-g]indol-8-one
5 water water
#
_entity_poly.entity_id   1
_entity_poly.type   'polypeptide(L)'
_entity_poly.pdbx_seq_one_letter_code
;SMQSSKRSSRSVEDDKEGHLVCRIGDWLQERYEIVGNLGEGTFGKVVECLDHARGKSQVALKIIRNVGKYREAARLEINV
LKKIKEKDKENKFLCVLMSDWFNFHGHMCIAFELLGKNTFEFLKENNFQPYPLPHVRHMAYQLCHALRFLHENQLTHTDL
KPENILFVNSEFETLYNEHKSCEEKSVKNTSIRVADFGSATFDHEHHTTIVATRHYRPPEVILELGWAQPCDVWSIGCIL
FEYYRGFTLFQTHENREHLVMMEKILGPIPSHMIHRTRKQKYFYKGGLVWDENSSDGRYVKENCKPLKSYMLQDSLEHVQ
LFDLMRRMLEFDPAQRITLAEALLHPFFAGLTPEERSFHT
;
_entity_poly.pdbx_strand_id   A,B
#
# COMPACT_ATOMS: atom_id res chain seq x y z
N SER A 5 -23.41 -10.75 -8.68
CA SER A 5 -22.63 -9.57 -9.20
C SER A 5 -21.12 -9.74 -9.05
N LYS A 6 -20.70 -10.59 -8.09
CA LYS A 6 -19.29 -10.88 -7.82
C LYS A 6 -18.65 -11.59 -9.03
N ARG A 7 -17.75 -10.88 -9.71
CA ARG A 7 -17.07 -11.39 -10.90
C ARG A 7 -16.08 -12.49 -10.50
N SER A 8 -16.32 -13.72 -10.99
CA SER A 8 -15.32 -14.79 -10.85
C SER A 8 -14.21 -14.54 -11.87
N SER A 9 -13.00 -15.06 -11.62
CA SER A 9 -11.79 -14.75 -12.42
C SER A 9 -11.86 -15.04 -13.94
N ARG A 10 -12.98 -15.63 -14.38
CA ARG A 10 -13.22 -15.96 -15.80
C ARG A 10 -13.87 -14.79 -16.57
N SER A 11 -14.48 -13.86 -15.83
CA SER A 11 -15.03 -12.64 -16.42
C SER A 11 -14.02 -11.47 -16.37
N VAL A 12 -12.74 -11.74 -16.07
CA VAL A 12 -11.70 -10.71 -15.99
C VAL A 12 -10.57 -10.98 -17.01
N GLU A 13 -10.28 -10.01 -17.88
CA GLU A 13 -9.21 -10.14 -18.91
C GLU A 13 -8.39 -8.87 -19.13
N ASP A 14 -7.12 -9.07 -19.46
CA ASP A 14 -6.12 -8.03 -19.64
C ASP A 14 -5.57 -8.05 -21.06
N ASP A 15 -5.36 -6.88 -21.68
CA ASP A 15 -4.65 -6.85 -22.96
C ASP A 15 -3.15 -7.15 -22.74
N LYS A 16 -2.37 -7.12 -23.81
CA LYS A 16 -0.93 -7.46 -23.75
C LYS A 16 -0.23 -6.54 -22.75
N GLU A 17 -0.51 -5.23 -22.84
CA GLU A 17 0.07 -4.24 -21.93
C GLU A 17 -0.38 -4.41 -20.44
N GLY A 18 -1.42 -5.21 -20.22
CA GLY A 18 -1.91 -5.50 -18.88
C GLY A 18 -3.12 -4.65 -18.49
N HIS A 19 -3.77 -3.99 -19.44
CA HIS A 19 -4.97 -3.17 -19.11
C HIS A 19 -6.14 -4.06 -18.89
N LEU A 20 -6.99 -3.72 -17.93
CA LEU A 20 -8.25 -4.43 -17.76
C LEU A 20 -9.12 -4.09 -19.00
N VAL A 21 -9.66 -5.13 -19.61
CA VAL A 21 -10.56 -4.95 -20.75
C VAL A 21 -11.92 -4.62 -20.12
N CYS A 22 -12.42 -3.42 -20.43
CA CYS A 22 -13.62 -2.91 -19.79
C CYS A 22 -14.68 -2.71 -20.80
N ARG A 23 -15.95 -2.76 -20.38
CA ARG A 23 -17.11 -2.47 -21.22
C ARG A 23 -18.18 -1.86 -20.33
N ILE A 24 -18.97 -0.92 -20.90
CA ILE A 24 -20.13 -0.30 -20.23
C ILE A 24 -21.08 -1.42 -19.77
N GLY A 25 -21.48 -1.38 -18.50
CA GLY A 25 -22.33 -2.42 -17.95
C GLY A 25 -21.59 -3.42 -17.06
N ASP A 26 -20.27 -3.56 -17.24
CA ASP A 26 -19.42 -4.34 -16.33
C ASP A 26 -19.46 -3.84 -14.86
N TRP A 27 -19.28 -4.77 -13.92
CA TRP A 27 -19.29 -4.47 -12.49
C TRP A 27 -17.96 -4.76 -11.86
N LEU A 28 -17.66 -4.01 -10.81
CA LEU A 28 -16.51 -4.23 -9.96
C LEU A 28 -16.93 -4.18 -8.50
N GLN A 29 -16.51 -5.20 -7.73
CA GLN A 29 -16.77 -5.29 -6.28
C GLN A 29 -18.24 -5.36 -5.91
N GLU A 30 -19.08 -5.87 -6.80
CA GLU A 30 -20.53 -5.87 -6.59
C GLU A 30 -21.04 -4.47 -6.20
N ARG A 31 -20.40 -3.42 -6.72
CA ARG A 31 -20.69 -2.06 -6.27
C ARG A 31 -20.64 -0.97 -7.37
N TYR A 32 -19.59 -1.01 -8.19
CA TYR A 32 -19.36 -0.02 -9.23
C TYR A 32 -19.74 -0.55 -10.61
N GLU A 33 -20.69 0.15 -11.24
CA GLU A 33 -21.18 -0.16 -12.58
C GLU A 33 -20.62 0.86 -13.54
N ILE A 34 -19.87 0.38 -14.51
CA ILE A 34 -19.23 1.24 -15.49
C ILE A 34 -20.31 1.81 -16.41
N VAL A 35 -20.33 3.13 -16.53
CA VAL A 35 -21.27 3.80 -17.40
C VAL A 35 -20.60 4.69 -18.44
N GLY A 36 -19.27 4.66 -18.49
CA GLY A 36 -18.53 5.47 -19.43
C GLY A 36 -17.02 5.41 -19.28
N ASN A 37 -16.31 6.02 -20.21
CA ASN A 37 -14.87 6.02 -20.18
C ASN A 37 -14.44 7.47 -20.03
N LEU A 38 -13.48 7.73 -19.14
CA LEU A 38 -13.01 9.09 -18.88
C LEU A 38 -11.58 9.37 -19.33
N GLY A 39 -10.86 8.38 -19.79
CA GLY A 39 -9.50 8.63 -20.24
C GLY A 39 -8.54 7.53 -19.91
N GLU A 40 -7.36 7.60 -20.50
CA GLU A 40 -6.33 6.60 -20.41
C GLU A 40 -5.00 7.26 -20.23
N GLY A 41 -4.06 6.51 -19.67
CA GLY A 41 -2.70 6.98 -19.47
C GLY A 41 -1.72 5.82 -19.48
N THR A 42 -0.47 6.13 -19.18
CA THR A 42 0.54 5.10 -18.98
C THR A 42 0.14 4.12 -17.87
N PHE A 43 -0.40 4.66 -16.78
CA PHE A 43 -0.73 3.86 -15.56
C PHE A 43 -1.87 2.88 -15.77
N GLY A 44 -2.75 3.16 -16.72
CA GLY A 44 -4.04 2.45 -16.80
C GLY A 44 -5.07 3.40 -17.34
N LYS A 45 -6.27 3.38 -16.77
CA LYS A 45 -7.39 4.15 -17.30
C LYS A 45 -8.33 4.60 -16.19
N VAL A 46 -9.16 5.58 -16.52
CA VAL A 46 -10.18 6.06 -15.60
C VAL A 46 -11.55 5.93 -16.22
N VAL A 47 -12.48 5.28 -15.49
CA VAL A 47 -13.83 5.07 -16.00
C VAL A 47 -14.81 5.72 -15.07
N GLU A 48 -15.94 6.15 -15.61
CA GLU A 48 -17.03 6.66 -14.79
C GLU A 48 -17.93 5.49 -14.44
N CYS A 49 -18.36 5.48 -13.18
CA CYS A 49 -19.20 4.44 -12.64
C CYS A 49 -20.26 5.09 -11.83
N LEU A 50 -21.34 4.35 -11.60
CA LEU A 50 -22.33 4.65 -10.57
C LEU A 50 -22.02 3.71 -9.40
N ASP A 51 -21.89 4.30 -8.23
CA ASP A 51 -21.63 3.58 -7.00
C ASP A 51 -22.98 3.21 -6.46
N HIS A 52 -23.37 1.94 -6.63
CA HIS A 52 -24.69 1.48 -6.20
C HIS A 52 -24.85 1.29 -4.72
N ALA A 53 -23.73 1.25 -3.99
CA ALA A 53 -23.74 1.22 -2.51
C ALA A 53 -24.03 2.59 -1.92
N ARG A 54 -24.07 3.62 -2.77
CA ARG A 54 -24.27 4.99 -2.30
C ARG A 54 -25.29 5.72 -3.15
N GLY A 55 -26.48 5.16 -3.25
CA GLY A 55 -27.57 5.78 -3.99
C GLY A 55 -27.28 6.05 -5.45
N LYS A 56 -26.50 5.18 -6.10
CA LYS A 56 -26.22 5.30 -7.53
C LYS A 56 -25.36 6.52 -7.90
N SER A 57 -24.61 7.06 -6.94
CA SER A 57 -23.89 8.29 -7.23
C SER A 57 -22.71 8.04 -8.19
N GLN A 58 -22.33 9.11 -8.86
CA GLN A 58 -21.35 9.01 -9.91
C GLN A 58 -19.97 8.95 -9.29
N VAL A 59 -19.08 8.11 -9.83
CA VAL A 59 -17.69 8.22 -9.44
C VAL A 59 -16.73 8.12 -10.61
N ALA A 60 -15.53 8.64 -10.40
CA ALA A 60 -14.42 8.36 -11.29
C ALA A 60 -13.62 7.24 -10.65
N LEU A 61 -13.44 6.11 -11.36
CA LEU A 61 -12.65 5.02 -10.82
C LEU A 61 -11.38 4.88 -11.67
N LYS A 62 -10.25 5.06 -11.02
CA LYS A 62 -8.95 4.92 -11.62
C LYS A 62 -8.50 3.46 -11.50
N ILE A 63 -8.13 2.83 -12.61
CA ILE A 63 -7.78 1.40 -12.65
C ILE A 63 -6.36 1.30 -13.15
N ILE A 64 -5.49 0.79 -12.29
CA ILE A 64 -4.10 0.66 -12.63
C ILE A 64 -3.92 -0.64 -13.39
N ARG A 65 -3.02 -0.61 -14.35
CA ARG A 65 -2.58 -1.82 -15.02
C ARG A 65 -2.09 -2.88 -14.05
N ASN A 66 -2.28 -4.11 -14.48
CA ASN A 66 -1.74 -5.25 -13.81
C ASN A 66 -0.24 -5.55 -14.21
N VAL A 67 0.63 -4.59 -13.91
CA VAL A 67 2.05 -4.71 -14.19
C VAL A 67 2.74 -4.33 -12.90
N GLY A 68 3.77 -5.10 -12.57
CA GLY A 68 4.46 -5.00 -11.27
C GLY A 68 4.72 -3.60 -10.81
N LYS A 69 5.50 -2.84 -11.59
CA LYS A 69 5.91 -1.50 -11.20
C LYS A 69 4.74 -0.50 -11.10
N TYR A 70 3.67 -0.73 -11.85
CA TYR A 70 2.49 0.15 -11.78
C TYR A 70 1.70 -0.10 -10.49
N ARG A 71 1.50 -1.36 -10.14
CA ARG A 71 0.76 -1.71 -8.94
C ARG A 71 1.48 -1.17 -7.70
N GLU A 72 2.80 -1.29 -7.67
CA GLU A 72 3.58 -0.86 -6.51
CA GLU A 72 3.53 -0.88 -6.49
C GLU A 72 3.55 0.67 -6.36
N ALA A 73 3.68 1.38 -7.49
CA ALA A 73 3.51 2.83 -7.52
C ALA A 73 2.17 3.23 -6.92
N ALA A 74 1.12 2.56 -7.34
CA ALA A 74 -0.25 2.80 -6.89
C ALA A 74 -0.43 2.67 -5.39
N ARG A 75 0.34 1.78 -4.78
CA ARG A 75 0.30 1.60 -3.33
C ARG A 75 0.86 2.82 -2.59
N LEU A 76 1.90 3.47 -3.13
CA LEU A 76 2.39 4.72 -2.58
C LEU A 76 1.35 5.85 -2.75
N GLU A 77 0.70 5.88 -3.91
CA GLU A 77 -0.32 6.90 -4.20
C GLU A 77 -1.43 6.77 -3.18
N ILE A 78 -1.88 5.57 -2.95
CA ILE A 78 -2.95 5.35 -1.94
C ILE A 78 -2.59 5.83 -0.50
N ASN A 79 -1.35 5.62 -0.08
CA ASN A 79 -0.83 6.15 1.21
C ASN A 79 -0.89 7.69 1.24
N VAL A 80 -0.38 8.33 0.21
CA VAL A 80 -0.48 9.81 0.13
C VAL A 80 -1.93 10.26 0.28
N LEU A 81 -2.82 9.65 -0.53
CA LEU A 81 -4.23 10.00 -0.59
C LEU A 81 -4.91 9.72 0.73
N LYS A 82 -4.57 8.64 1.39
CA LYS A 82 -5.10 8.38 2.75
C LYS A 82 -4.67 9.48 3.75
N LYS A 83 -3.40 9.88 3.74
CA LYS A 83 -2.99 10.95 4.65
C LYS A 83 -3.77 12.24 4.42
N ILE A 84 -3.87 12.71 3.15
CA ILE A 84 -4.71 13.86 2.73
C ILE A 84 -6.12 13.73 3.25
N LYS A 85 -6.67 12.53 3.06
CA LYS A 85 -8.04 12.22 3.44
C LYS A 85 -8.17 12.43 4.96
N GLU A 86 -7.23 11.88 5.72
CA GLU A 86 -7.29 11.98 7.18
C GLU A 86 -7.05 13.37 7.67
N LYS A 87 -6.23 14.16 6.98
CA LYS A 87 -5.93 15.51 7.51
C LYS A 87 -6.90 16.56 7.06
N ASP A 88 -7.78 16.22 6.12
CA ASP A 88 -8.76 17.17 5.63
C ASP A 88 -10.13 16.49 5.77
N LYS A 89 -10.50 16.20 7.01
CA LYS A 89 -11.78 15.54 7.28
C LYS A 89 -12.93 16.53 7.03
N GLU A 90 -12.66 17.83 7.16
CA GLU A 90 -13.63 18.85 6.79
C GLU A 90 -13.83 19.07 5.28
N ASN A 91 -13.03 18.46 4.40
CA ASN A 91 -13.17 18.63 2.95
C ASN A 91 -12.87 20.04 2.45
N LYS A 92 -11.88 20.73 3.00
CA LYS A 92 -11.75 22.15 2.72
C LYS A 92 -10.46 22.56 2.00
N PHE A 93 -9.56 21.61 1.74
CA PHE A 93 -8.25 21.91 1.15
C PHE A 93 -8.06 21.52 -0.30
N LEU A 94 -9.10 21.03 -0.93
CA LEU A 94 -9.14 21.01 -2.40
C LEU A 94 -8.21 20.02 -3.15
N CYS A 95 -7.77 19.01 -2.45
CA CYS A 95 -7.04 17.92 -3.06
C CYS A 95 -8.05 16.79 -3.25
N VAL A 96 -8.01 16.11 -4.39
CA VAL A 96 -8.99 15.07 -4.69
C VAL A 96 -9.09 14.15 -3.46
N LEU A 97 -10.33 13.83 -3.08
CA LEU A 97 -10.58 13.00 -1.90
C LEU A 97 -10.90 11.59 -2.37
N MET A 98 -10.08 10.65 -1.98
CA MET A 98 -10.29 9.23 -2.25
C MET A 98 -11.49 8.75 -1.45
N SER A 99 -12.47 8.11 -2.10
CA SER A 99 -13.61 7.52 -1.39
C SER A 99 -13.47 6.02 -1.12
N ASP A 100 -12.57 5.35 -1.82
CA ASP A 100 -12.42 3.90 -1.64
C ASP A 100 -11.16 3.53 -2.38
N TRP A 101 -10.54 2.44 -1.98
CA TRP A 101 -9.58 1.73 -2.82
C TRP A 101 -9.66 0.23 -2.65
N PHE A 102 -9.11 -0.51 -3.61
CA PHE A 102 -9.16 -1.98 -3.61
C PHE A 102 -8.26 -2.58 -4.70
N ASN A 103 -7.98 -3.87 -4.52
CA ASN A 103 -7.21 -4.66 -5.46
C ASN A 103 -8.18 -5.57 -6.27
N PHE A 104 -8.39 -5.24 -7.54
CA PHE A 104 -9.27 -6.04 -8.45
C PHE A 104 -8.40 -6.94 -9.34
N HIS A 105 -8.27 -8.20 -8.93
CA HIS A 105 -7.45 -9.18 -9.66
C HIS A 105 -6.11 -8.66 -10.05
N GLY A 106 -5.48 -7.87 -9.19
CA GLY A 106 -4.15 -7.31 -9.46
C GLY A 106 -4.17 -5.90 -9.99
N HIS A 107 -5.35 -5.37 -10.36
CA HIS A 107 -5.47 -3.96 -10.74
C HIS A 107 -5.84 -3.23 -9.50
N MET A 108 -4.99 -2.27 -9.11
CA MET A 108 -5.33 -1.40 -7.98
C MET A 108 -6.37 -0.39 -8.46
N CYS A 109 -7.48 -0.26 -7.72
CA CYS A 109 -8.51 0.69 -8.09
C CYS A 109 -8.71 1.71 -7.01
N ILE A 110 -8.81 2.96 -7.45
CA ILE A 110 -9.06 4.10 -6.56
C ILE A 110 -10.30 4.87 -7.02
N ALA A 111 -11.27 5.00 -6.13
CA ALA A 111 -12.53 5.70 -6.38
C ALA A 111 -12.45 7.14 -5.87
N PHE A 112 -12.96 8.09 -6.68
CA PHE A 112 -13.01 9.53 -6.34
C PHE A 112 -14.38 10.12 -6.72
N GLU A 113 -14.72 11.28 -6.15
CA GLU A 113 -15.76 12.13 -6.75
C GLU A 113 -15.53 12.37 -8.25
N LEU A 114 -16.62 12.34 -9.03
CA LEU A 114 -16.57 12.62 -10.46
C LEU A 114 -16.42 14.13 -10.67
N LEU A 115 -15.39 14.57 -11.36
CA LEU A 115 -15.18 16.02 -11.62
C LEU A 115 -15.35 16.33 -13.12
N GLY A 116 -15.03 17.55 -13.54
CA GLY A 116 -15.10 17.98 -14.93
C GLY A 116 -13.78 17.88 -15.66
N LYS A 117 -13.63 18.59 -16.74
CA LYS A 117 -12.41 18.63 -17.50
C LYS A 117 -11.23 19.22 -16.71
N ASN A 118 -10.03 18.80 -17.07
CA ASN A 118 -8.86 19.44 -16.55
C ASN A 118 -8.61 20.79 -17.19
N THR A 119 -7.81 21.59 -16.49
CA THR A 119 -7.61 22.99 -16.91
C THR A 119 -6.81 23.06 -18.23
N PHE A 120 -6.03 22.04 -18.57
CA PHE A 120 -5.35 22.03 -19.90
C PHE A 120 -6.35 21.70 -21.02
N GLU A 121 -7.11 20.64 -20.84
CA GLU A 121 -8.13 20.26 -21.83
C GLU A 121 -9.11 21.38 -22.09
N PHE A 122 -9.50 22.10 -21.04
CA PHE A 122 -10.37 23.28 -21.25
C PHE A 122 -9.69 24.32 -22.10
N LEU A 123 -8.42 24.57 -21.79
CA LEU A 123 -7.64 25.54 -22.57
C LEU A 123 -7.49 25.16 -24.07
N LYS A 124 -7.11 23.92 -24.31
CA LYS A 124 -7.04 23.33 -25.65
C LYS A 124 -8.36 23.47 -26.38
N GLU A 125 -9.48 23.14 -25.71
CA GLU A 125 -10.82 23.25 -26.35
C GLU A 125 -11.24 24.69 -26.55
N ASN A 126 -10.52 25.62 -25.96
CA ASN A 126 -10.80 27.05 -26.14
C ASN A 126 -9.77 27.59 -27.11
N ASN A 127 -9.09 26.67 -27.78
CA ASN A 127 -8.08 27.03 -28.78
C ASN A 127 -6.91 27.83 -28.18
N PHE A 128 -6.56 27.50 -26.93
CA PHE A 128 -5.46 28.11 -26.22
C PHE A 128 -5.66 29.56 -25.93
N GLN A 129 -6.89 30.02 -26.03
CA GLN A 129 -7.22 31.37 -25.55
CA GLN A 129 -7.18 31.37 -25.55
C GLN A 129 -7.17 31.33 -24.04
N PRO A 130 -6.50 32.29 -23.43
CA PRO A 130 -6.24 32.23 -22.03
C PRO A 130 -7.45 32.49 -21.18
N TYR A 131 -7.38 32.07 -19.92
CA TYR A 131 -8.34 32.41 -18.92
C TYR A 131 -8.26 33.90 -18.62
N PRO A 132 -9.41 34.58 -18.43
CA PRO A 132 -9.38 35.95 -17.93
C PRO A 132 -8.79 36.09 -16.57
N LEU A 133 -8.25 37.28 -16.27
CA LEU A 133 -7.51 37.51 -15.03
C LEU A 133 -8.25 37.09 -13.76
N PRO A 134 -9.54 37.43 -13.64
CA PRO A 134 -10.26 37.05 -12.43
C PRO A 134 -10.33 35.53 -12.18
N HIS A 135 -10.38 34.76 -13.26
CA HIS A 135 -10.32 33.31 -13.19
C HIS A 135 -8.95 32.84 -12.77
N VAL A 136 -7.94 33.52 -13.32
CA VAL A 136 -6.57 33.27 -12.99
C VAL A 136 -6.39 33.50 -11.50
N ARG A 137 -6.95 34.57 -10.98
CA ARG A 137 -6.82 34.85 -9.57
C ARG A 137 -7.50 33.79 -8.70
N HIS A 138 -8.71 33.42 -9.05
CA HIS A 138 -9.42 32.44 -8.22
C HIS A 138 -8.69 31.09 -8.24
N MET A 139 -8.21 30.71 -9.42
CA MET A 139 -7.53 29.41 -9.56
C MET A 139 -6.18 29.43 -8.86
N ALA A 140 -5.48 30.54 -8.95
CA ALA A 140 -4.20 30.64 -8.30
C ALA A 140 -4.35 30.53 -6.75
N TYR A 141 -5.42 31.12 -6.24
CA TYR A 141 -5.65 31.18 -4.81
C TYR A 141 -5.85 29.76 -4.32
N GLN A 142 -6.77 29.07 -4.98
CA GLN A 142 -7.06 27.67 -4.72
C GLN A 142 -5.82 26.75 -4.79
N LEU A 143 -4.97 26.95 -5.79
CA LEU A 143 -3.71 26.24 -5.85
C LEU A 143 -2.80 26.55 -4.68
N CYS A 144 -2.66 27.81 -4.28
CA CYS A 144 -1.78 28.14 -3.17
C CYS A 144 -2.31 27.51 -1.88
N HIS A 145 -3.60 27.51 -1.74
CA HIS A 145 -4.29 27.00 -0.60
C HIS A 145 -4.13 25.51 -0.50
N ALA A 146 -4.42 24.80 -1.59
CA ALA A 146 -4.32 23.36 -1.64
C ALA A 146 -2.89 22.91 -1.35
N LEU A 147 -1.92 23.55 -1.99
CA LEU A 147 -0.60 23.03 -1.83
C LEU A 147 0.02 23.56 -0.50
N ARG A 148 -0.41 24.71 0.06
CA ARG A 148 0.13 25.12 1.37
CA ARG A 148 0.13 25.11 1.38
C ARG A 148 -0.25 24.00 2.35
N PHE A 149 -1.47 23.48 2.22
CA PHE A 149 -1.96 22.36 3.05
C PHE A 149 -1.05 21.12 2.87
N LEU A 150 -0.67 20.87 1.63
CA LEU A 150 0.14 19.70 1.39
C LEU A 150 1.52 19.87 2.04
N HIS A 151 2.10 21.04 1.85
CA HIS A 151 3.39 21.33 2.32
C HIS A 151 3.51 21.27 3.87
N GLU A 152 2.44 21.65 4.56
CA GLU A 152 2.32 21.59 6.03
C GLU A 152 2.34 20.12 6.53
N ASN A 153 2.04 19.20 5.63
CA ASN A 153 2.03 17.79 5.94
C ASN A 153 3.22 17.04 5.38
N GLN A 154 4.33 17.76 5.21
CA GLN A 154 5.62 17.13 4.84
C GLN A 154 5.51 16.35 3.51
N LEU A 155 4.70 16.91 2.61
CA LEU A 155 4.51 16.37 1.25
C LEU A 155 4.87 17.42 0.19
N THR A 156 5.37 16.94 -0.91
CA THR A 156 5.56 17.76 -2.08
C THR A 156 4.86 17.01 -3.19
N HIS A 157 4.11 17.69 -4.06
CA HIS A 157 3.43 17.00 -5.19
C HIS A 157 4.43 16.53 -6.27
N THR A 158 5.30 17.43 -6.68
CA THR A 158 6.42 17.21 -7.66
C THR A 158 6.02 17.19 -9.14
N ASP A 159 4.73 17.07 -9.44
CA ASP A 159 4.21 16.97 -10.80
C ASP A 159 2.98 17.85 -11.13
N LEU A 160 3.01 19.10 -10.68
CA LEU A 160 1.92 19.99 -10.90
C LEU A 160 2.06 20.52 -12.33
N LYS A 161 0.94 20.51 -13.04
CA LYS A 161 0.79 21.10 -14.35
C LYS A 161 -0.71 21.22 -14.63
N PRO A 162 -1.12 21.94 -15.69
CA PRO A 162 -2.51 22.21 -15.91
C PRO A 162 -3.40 20.98 -16.10
N GLU A 163 -2.86 19.94 -16.71
CA GLU A 163 -3.64 18.72 -16.90
CA GLU A 163 -3.65 18.72 -16.89
C GLU A 163 -3.96 17.96 -15.58
N ASN A 164 -3.19 18.23 -14.52
CA ASN A 164 -3.42 17.67 -13.18
C ASN A 164 -4.30 18.53 -12.24
N ILE A 165 -4.82 19.63 -12.76
CA ILE A 165 -5.78 20.48 -12.10
C ILE A 165 -7.13 20.38 -12.80
N LEU A 166 -8.12 19.95 -12.05
CA LEU A 166 -9.44 19.58 -12.58
C LEU A 166 -10.51 20.60 -12.14
N PHE A 167 -11.37 21.10 -13.03
CA PHE A 167 -12.57 21.82 -12.60
C PHE A 167 -13.55 20.92 -11.92
N VAL A 168 -14.21 21.39 -10.86
CA VAL A 168 -15.30 20.66 -10.26
C VAL A 168 -16.35 20.50 -11.35
N ASN A 169 -16.69 21.62 -11.99
CA ASN A 169 -17.60 21.64 -13.15
C ASN A 169 -17.09 22.57 -14.26
N SER A 170 -16.92 22.00 -15.44
CA SER A 170 -16.34 22.68 -16.61
C SER A 170 -17.36 23.13 -17.68
N GLU A 171 -18.67 23.10 -17.34
CA GLU A 171 -19.70 23.82 -18.12
C GLU A 171 -19.31 25.29 -18.35
N PHE A 172 -19.53 25.79 -19.57
CA PHE A 172 -19.07 27.11 -19.99
C PHE A 172 -20.15 27.86 -20.72
N GLU A 173 -19.95 29.17 -20.83
CA GLU A 173 -20.76 30.01 -21.72
C GLU A 173 -19.86 30.34 -22.89
N THR A 174 -20.47 30.57 -24.04
CA THR A 174 -19.71 30.98 -25.17
C THR A 174 -19.87 32.47 -25.43
N LEU A 175 -18.75 33.16 -25.44
CA LEU A 175 -18.71 34.61 -25.58
C LEU A 175 -18.05 34.94 -26.90
N TYR A 176 -17.95 36.22 -27.22
CA TYR A 176 -17.28 36.66 -28.44
C TYR A 176 -16.18 37.72 -28.17
N ASN A 177 -15.03 37.53 -28.81
CA ASN A 177 -13.90 38.45 -28.63
C ASN A 177 -13.93 39.42 -29.81
N GLU A 178 -14.07 40.71 -29.52
CA GLU A 178 -14.06 41.73 -30.57
C GLU A 178 -12.68 41.78 -31.18
N HIS A 179 -11.71 42.07 -30.31
CA HIS A 179 -10.29 42.16 -30.69
C HIS A 179 -9.76 41.07 -31.59
N LYS A 180 -10.38 39.90 -31.60
CA LYS A 180 -9.88 38.79 -32.40
C LYS A 180 -10.93 38.13 -33.27
N SER A 181 -12.12 38.72 -33.35
CA SER A 181 -13.16 38.18 -34.21
C SER A 181 -13.39 36.68 -34.06
N CYS A 182 -13.38 36.19 -32.83
CA CYS A 182 -13.67 34.79 -32.58
C CYS A 182 -14.44 34.60 -31.30
N GLU A 183 -15.06 33.45 -31.21
CA GLU A 183 -15.72 33.03 -30.03
C GLU A 183 -14.71 32.64 -28.94
N GLU A 184 -15.16 32.64 -27.68
CA GLU A 184 -14.32 32.30 -26.52
C GLU A 184 -15.18 31.52 -25.52
N LYS A 185 -14.69 30.40 -25.02
CA LYS A 185 -15.38 29.72 -23.94
C LYS A 185 -14.91 30.27 -22.58
N SER A 186 -15.86 30.44 -21.67
CA SER A 186 -15.61 31.05 -20.35
C SER A 186 -16.26 30.14 -19.33
N VAL A 187 -15.47 29.61 -18.40
CA VAL A 187 -15.98 28.60 -17.50
C VAL A 187 -16.91 29.28 -16.50
N LYS A 188 -17.98 28.57 -16.14
CA LYS A 188 -19.04 29.18 -15.32
C LYS A 188 -18.66 29.20 -13.85
N ASN A 189 -17.96 28.15 -13.45
CA ASN A 189 -17.47 27.99 -12.10
C ASN A 189 -15.98 27.53 -12.16
N THR A 190 -15.16 28.36 -11.54
CA THR A 190 -13.73 28.21 -11.54
C THR A 190 -13.24 27.47 -10.30
N SER A 191 -14.13 26.83 -9.52
CA SER A 191 -13.68 25.87 -8.50
C SER A 191 -12.83 24.73 -9.04
N ILE A 192 -11.69 24.48 -8.43
CA ILE A 192 -10.74 23.42 -8.94
C ILE A 192 -10.36 22.42 -7.84
N ARG A 193 -9.87 21.28 -8.25
CA ARG A 193 -9.23 20.34 -7.37
C ARG A 193 -7.88 19.90 -7.90
N VAL A 194 -6.95 19.62 -7.00
CA VAL A 194 -5.62 19.21 -7.36
C VAL A 194 -5.62 17.68 -7.40
N ALA A 195 -5.14 17.15 -8.54
CA ALA A 195 -5.15 15.69 -8.80
C ALA A 195 -3.80 15.11 -9.03
N ASP A 196 -3.80 13.79 -9.16
CA ASP A 196 -2.62 13.04 -9.54
C ASP A 196 -1.49 13.11 -8.50
N PHE A 197 -1.71 12.38 -7.43
CA PHE A 197 -0.74 12.29 -6.37
C PHE A 197 0.25 11.10 -6.56
N GLY A 198 0.43 10.63 -7.80
CA GLY A 198 1.28 9.48 -8.10
C GLY A 198 2.78 9.71 -7.95
N SER A 199 3.19 10.96 -7.74
CA SER A 199 4.59 11.30 -7.53
C SER A 199 4.81 12.02 -6.26
N ALA A 200 3.76 12.23 -5.48
CA ALA A 200 3.91 13.02 -4.30
C ALA A 200 4.86 12.30 -3.32
N THR A 201 5.69 13.06 -2.62
CA THR A 201 6.80 12.52 -1.82
C THR A 201 6.90 13.16 -0.48
N PHE A 202 6.96 12.30 0.54
CA PHE A 202 7.14 12.71 1.91
C PHE A 202 8.56 13.26 2.17
N ASP A 203 8.69 14.22 3.08
CA ASP A 203 10.00 14.74 3.48
C ASP A 203 11.00 13.63 3.83
N HIS A 204 10.54 12.56 4.50
CA HIS A 204 11.45 11.51 4.91
C HIS A 204 11.85 10.56 3.80
N GLU A 205 11.24 10.58 2.62
CA GLU A 205 11.56 9.55 1.62
C GLU A 205 12.73 9.95 0.74
N HIS A 206 13.23 9.00 -0.02
CA HIS A 206 14.30 9.24 -0.98
C HIS A 206 13.87 10.21 -2.05
N HIS A 207 14.70 11.23 -2.28
CA HIS A 207 14.47 12.22 -3.35
C HIS A 207 15.27 11.87 -4.58
N THR A 208 14.62 11.42 -5.65
CA THR A 208 15.33 11.12 -6.90
C THR A 208 16.01 12.42 -7.39
N THR A 209 16.98 12.30 -8.29
CA THR A 209 17.66 13.50 -8.81
C THR A 209 16.71 14.42 -9.60
N ILE A 210 15.85 13.81 -10.45
CA ILE A 210 15.02 14.55 -11.38
C ILE A 210 13.58 14.28 -11.02
N VAL A 211 12.81 15.36 -10.82
CA VAL A 211 11.37 15.29 -10.73
C VAL A 211 10.72 16.35 -11.62
N ALA A 212 9.40 16.20 -11.82
CA ALA A 212 8.53 17.14 -12.56
C ALA A 212 8.57 16.90 -14.08
N THR A 213 7.47 17.24 -14.74
CA THR A 213 7.39 17.34 -16.20
C THR A 213 8.23 18.50 -16.63
N ARG A 214 8.95 18.34 -17.72
CA ARG A 214 9.99 19.27 -18.02
C ARG A 214 9.57 20.70 -17.99
N HIS A 215 8.44 21.05 -18.58
CA HIS A 215 8.13 22.46 -18.76
C HIS A 215 7.93 23.09 -17.40
N TYR A 216 7.62 22.28 -16.38
CA TYR A 216 7.28 22.76 -15.06
C TYR A 216 8.42 22.50 -14.02
N ARG A 217 9.65 22.20 -14.49
CA ARG A 217 10.71 21.69 -13.60
C ARG A 217 11.58 22.85 -13.18
N PRO A 218 11.88 22.99 -11.87
CA PRO A 218 12.69 24.15 -11.45
C PRO A 218 14.19 23.98 -11.67
N PRO A 219 14.94 25.08 -11.63
CA PRO A 219 16.40 25.12 -11.84
C PRO A 219 17.22 24.29 -10.87
N GLU A 220 16.80 24.23 -9.60
CA GLU A 220 17.48 23.40 -8.62
C GLU A 220 17.47 21.95 -9.05
N VAL A 221 16.39 21.52 -9.68
CA VAL A 221 16.31 20.10 -10.08
C VAL A 221 17.22 19.84 -11.29
N ILE A 222 17.16 20.73 -12.29
CA ILE A 222 18.00 20.61 -13.51
C ILE A 222 19.48 20.67 -13.10
N LEU A 223 19.83 21.65 -12.26
CA LEU A 223 21.16 21.78 -11.66
C LEU A 223 21.53 20.71 -10.62
N GLU A 224 20.54 19.94 -10.18
CA GLU A 224 20.74 18.80 -9.32
C GLU A 224 21.26 19.22 -7.92
N LEU A 225 20.67 20.28 -7.40
CA LEU A 225 21.01 20.88 -6.15
C LEU A 225 20.11 20.32 -5.01
N GLY A 226 19.36 19.26 -5.30
CA GLY A 226 18.31 18.80 -4.40
C GLY A 226 17.01 19.60 -4.50
N TRP A 227 15.90 19.08 -3.97
CA TRP A 227 14.63 19.80 -4.07
C TRP A 227 13.73 19.52 -2.86
N ALA A 228 12.75 20.37 -2.64
CA ALA A 228 11.76 20.10 -1.60
C ALA A 228 10.50 20.87 -1.99
N GLN A 229 9.73 21.34 -1.00
CA GLN A 229 8.47 21.99 -1.30
C GLN A 229 8.58 23.13 -2.30
N PRO A 230 9.72 23.84 -2.32
CA PRO A 230 9.87 24.91 -3.29
C PRO A 230 9.66 24.47 -4.71
N CYS A 231 9.89 23.18 -4.99
CA CYS A 231 9.67 22.66 -6.33
C CYS A 231 8.24 23.00 -6.80
N ASP A 232 7.25 22.73 -5.97
CA ASP A 232 5.87 22.94 -6.33
C ASP A 232 5.60 24.39 -6.62
N VAL A 233 6.23 25.29 -5.88
CA VAL A 233 5.92 26.72 -6.00
C VAL A 233 6.29 27.20 -7.40
N TRP A 234 7.43 26.74 -7.87
CA TRP A 234 7.92 26.99 -9.22
C TRP A 234 6.95 26.49 -10.28
N SER A 235 6.55 25.23 -10.16
CA SER A 235 5.55 24.70 -11.03
C SER A 235 4.28 25.56 -11.08
N ILE A 236 3.84 26.02 -9.90
CA ILE A 236 2.66 26.90 -9.83
C ILE A 236 2.90 28.22 -10.61
N GLY A 237 4.08 28.79 -10.45
CA GLY A 237 4.40 29.99 -11.22
C GLY A 237 4.21 29.77 -12.70
N CYS A 238 4.72 28.63 -13.19
CA CYS A 238 4.65 28.27 -14.60
C CYS A 238 3.22 28.04 -15.03
N ILE A 239 2.43 27.44 -14.12
CA ILE A 239 1.06 27.19 -14.40
C ILE A 239 0.33 28.51 -14.51
N LEU A 240 0.56 29.44 -13.60
CA LEU A 240 -0.19 30.72 -13.67
C LEU A 240 0.10 31.49 -15.00
N PHE A 241 1.35 31.47 -15.45
CA PHE A 241 1.68 32.14 -16.68
C PHE A 241 0.88 31.51 -17.82
N GLU A 242 0.91 30.19 -17.86
CA GLU A 242 0.18 29.45 -18.86
C GLU A 242 -1.33 29.74 -18.85
N TYR A 243 -1.93 29.87 -17.67
CA TYR A 243 -3.36 30.26 -17.61
C TYR A 243 -3.58 31.71 -18.12
N TYR A 244 -2.62 32.56 -17.87
CA TYR A 244 -2.76 33.94 -18.22
C TYR A 244 -2.47 34.27 -19.71
N ARG A 245 -1.58 33.53 -20.36
CA ARG A 245 -1.32 33.76 -21.77
C ARG A 245 -1.80 32.61 -22.67
N GLY A 246 -2.05 31.45 -22.08
CA GLY A 246 -2.50 30.30 -22.82
C GLY A 246 -1.43 29.45 -23.47
N PHE A 247 -0.18 29.90 -23.44
CA PHE A 247 0.95 29.09 -23.94
C PHE A 247 2.00 28.80 -22.85
N THR A 248 2.77 27.75 -23.01
CA THR A 248 3.71 27.25 -22.02
C THR A 248 4.80 28.30 -21.80
N LEU A 249 5.16 28.59 -20.55
CA LEU A 249 6.26 29.54 -20.33
C LEU A 249 7.60 29.05 -20.93
N PHE A 250 7.92 27.78 -20.68
CA PHE A 250 9.14 27.13 -21.09
C PHE A 250 8.84 25.98 -22.04
N GLN A 251 8.74 26.29 -23.34
CA GLN A 251 8.40 25.30 -24.36
C GLN A 251 9.72 24.68 -24.81
N THR A 252 10.22 23.81 -23.99
CA THR A 252 11.59 23.33 -24.10
C THR A 252 11.68 21.81 -24.05
N HIS A 253 12.78 21.31 -24.57
CA HIS A 253 12.96 19.85 -24.58
C HIS A 253 14.31 19.44 -24.09
N GLU A 254 15.11 20.39 -23.63
CA GLU A 254 16.50 20.15 -23.24
C GLU A 254 17.02 21.14 -22.19
N ASN A 255 17.88 20.62 -21.31
CA ASN A 255 18.36 21.35 -20.12
C ASN A 255 19.05 22.68 -20.41
N ARG A 256 20.07 22.69 -21.27
CA ARG A 256 20.81 23.91 -21.52
C ARG A 256 19.84 24.91 -22.08
N GLU A 257 19.09 24.49 -23.10
CA GLU A 257 18.03 25.34 -23.65
C GLU A 257 17.10 25.90 -22.57
N HIS A 258 16.57 25.00 -21.73
CA HIS A 258 15.76 25.42 -20.55
C HIS A 258 16.41 26.52 -19.68
N LEU A 259 17.67 26.33 -19.31
CA LEU A 259 18.39 27.34 -18.53
C LEU A 259 18.50 28.68 -19.24
N VAL A 260 18.78 28.66 -20.57
CA VAL A 260 18.90 29.89 -21.32
C VAL A 260 17.57 30.62 -21.26
N MET A 261 16.48 29.86 -21.47
CA MET A 261 15.11 30.41 -21.39
C MET A 261 14.91 31.08 -20.03
N MET A 262 15.30 30.39 -18.97
CA MET A 262 15.16 31.00 -17.65
C MET A 262 15.95 32.28 -17.61
N GLU A 263 17.19 32.26 -18.09
CA GLU A 263 17.98 33.50 -18.08
C GLU A 263 17.34 34.60 -18.88
N LYS A 264 16.94 34.29 -20.11
CA LYS A 264 16.31 35.31 -20.93
C LYS A 264 15.02 35.83 -20.29
N ILE A 265 14.26 34.98 -19.59
CA ILE A 265 12.94 35.41 -19.12
C ILE A 265 13.10 36.09 -17.77
N LEU A 266 13.96 35.55 -16.91
CA LEU A 266 13.99 35.90 -15.50
C LEU A 266 15.29 36.56 -15.00
N GLY A 267 16.29 36.75 -15.85
CA GLY A 267 17.54 37.28 -15.34
C GLY A 267 18.58 36.22 -15.07
N PRO A 268 19.77 36.65 -14.64
CA PRO A 268 20.86 35.72 -14.47
C PRO A 268 20.63 34.77 -13.31
N ILE A 269 21.15 33.56 -13.50
CA ILE A 269 21.19 32.57 -12.46
C ILE A 269 22.09 33.16 -11.38
N PRO A 270 21.74 32.99 -10.08
CA PRO A 270 22.70 33.36 -9.03
C PRO A 270 24.00 32.53 -9.06
N SER A 271 25.13 33.26 -9.04
CA SER A 271 26.47 32.68 -9.01
C SER A 271 26.60 31.57 -8.03
N HIS A 272 26.06 31.85 -6.85
CA HIS A 272 26.17 30.87 -5.79
CA HIS A 272 26.01 30.91 -5.74
C HIS A 272 25.59 29.55 -6.24
N MET A 273 24.51 29.51 -7.01
CA MET A 273 23.97 28.22 -7.48
C MET A 273 24.83 27.57 -8.56
N ILE A 274 25.44 28.41 -9.36
CA ILE A 274 26.39 27.93 -10.36
C ILE A 274 27.66 27.32 -9.71
N HIS A 275 28.22 27.97 -8.70
CA HIS A 275 29.38 27.40 -7.97
C HIS A 275 29.06 26.07 -7.31
N ARG A 276 27.81 25.93 -6.85
CA ARG A 276 27.38 24.74 -6.11
C ARG A 276 27.05 23.53 -6.99
N THR A 277 26.68 23.73 -8.24
CA THR A 277 26.13 22.63 -9.04
C THR A 277 27.28 21.77 -9.57
N ARG A 278 27.03 20.47 -9.72
CA ARG A 278 27.97 19.56 -10.38
C ARG A 278 27.79 19.54 -11.92
N LYS A 279 26.87 20.35 -12.46
CA LYS A 279 26.58 20.35 -13.91
C LYS A 279 27.31 21.55 -14.57
N GLN A 280 28.63 21.49 -14.49
CA GLN A 280 29.48 22.63 -14.85
C GLN A 280 29.55 22.88 -16.38
N LYS A 281 29.30 21.84 -17.19
CA LYS A 281 29.23 21.93 -18.66
C LYS A 281 28.32 23.04 -19.19
N TYR A 282 27.23 23.30 -18.48
CA TYR A 282 26.31 24.36 -18.88
C TYR A 282 26.93 25.76 -18.71
N PHE A 283 28.16 25.79 -18.17
CA PHE A 283 28.79 27.03 -17.82
C PHE A 283 30.23 27.15 -18.29
N TYR A 284 30.74 28.37 -18.10
CA TYR A 284 32.00 28.82 -18.70
C TYR A 284 32.22 30.24 -18.19
N LYS A 285 33.26 30.41 -17.39
CA LYS A 285 33.63 31.74 -16.87
C LYS A 285 32.59 32.22 -15.85
N GLY A 286 32.00 31.27 -15.14
CA GLY A 286 30.86 31.52 -14.26
C GLY A 286 29.59 31.93 -15.02
N GLY A 287 29.62 31.74 -16.34
CA GLY A 287 28.56 32.14 -17.25
C GLY A 287 28.00 30.98 -18.06
N LEU A 288 26.67 30.99 -18.19
CA LEU A 288 25.90 30.03 -18.97
C LEU A 288 26.41 29.95 -20.42
N VAL A 289 26.72 28.75 -20.94
CA VAL A 289 27.27 28.65 -22.27
C VAL A 289 26.33 27.97 -23.25
N TRP A 290 26.18 28.57 -24.44
CA TRP A 290 25.30 28.04 -25.49
C TRP A 290 25.57 28.64 -26.88
N ASP A 291 25.16 27.90 -27.92
CA ASP A 291 25.25 28.26 -29.33
C ASP A 291 24.00 29.07 -29.77
N GLU A 292 24.18 30.40 -29.80
CA GLU A 292 23.15 31.29 -30.21
C GLU A 292 22.71 31.07 -31.67
N ASN A 293 23.56 30.44 -32.51
CA ASN A 293 23.25 30.20 -33.92
C ASN A 293 22.60 28.84 -34.26
N SER A 294 22.52 27.96 -33.27
CA SER A 294 21.82 26.66 -33.41
C SER A 294 20.32 26.88 -33.62
N SER A 295 19.64 25.83 -34.04
CA SER A 295 18.17 25.86 -34.08
C SER A 295 17.55 26.29 -32.75
N ASP A 296 17.88 25.60 -31.69
CA ASP A 296 17.39 25.94 -30.37
C ASP A 296 17.80 27.35 -29.96
N GLY A 297 19.04 27.74 -30.21
CA GLY A 297 19.44 29.10 -29.87
C GLY A 297 18.63 30.20 -30.58
N ARG A 298 18.39 30.05 -31.87
CA ARG A 298 17.61 31.05 -32.61
C ARG A 298 16.13 31.05 -32.15
N TYR A 299 15.62 29.88 -31.80
CA TYR A 299 14.25 29.76 -31.26
C TYR A 299 14.12 30.59 -29.96
N VAL A 300 15.02 30.30 -29.03
CA VAL A 300 15.03 30.94 -27.75
C VAL A 300 15.17 32.47 -27.90
N LYS A 301 16.07 32.88 -28.77
CA LYS A 301 16.29 34.30 -28.97
C LYS A 301 15.05 34.98 -29.61
N GLU A 302 14.41 34.32 -30.58
CA GLU A 302 13.20 34.89 -31.20
C GLU A 302 12.00 35.01 -30.23
N ASN A 303 11.84 33.98 -29.43
CA ASN A 303 10.62 33.72 -28.67
C ASN A 303 10.65 33.97 -27.14
N CYS A 304 11.82 33.99 -26.49
CA CYS A 304 11.89 34.13 -25.02
C CYS A 304 12.38 35.54 -24.64
N LYS A 305 11.47 36.31 -24.10
CA LYS A 305 11.71 37.70 -23.68
C LYS A 305 11.56 37.88 -22.17
N PRO A 306 11.98 39.05 -21.64
CA PRO A 306 11.79 39.38 -20.22
C PRO A 306 10.36 39.10 -19.77
N LEU A 307 10.23 38.52 -18.58
CA LEU A 307 8.93 38.11 -18.07
C LEU A 307 7.93 39.28 -18.10
N LYS A 308 8.36 40.46 -17.66
CA LYS A 308 7.40 41.55 -17.50
C LYS A 308 6.75 41.95 -18.82
N SER A 309 7.42 41.67 -19.94
CA SER A 309 6.91 42.11 -21.25
C SER A 309 5.73 41.29 -21.70
N TYR A 310 5.53 40.15 -21.07
CA TYR A 310 4.39 39.32 -21.36
C TYR A 310 3.10 39.83 -20.74
N MET A 311 3.13 40.88 -19.92
CA MET A 311 1.90 41.46 -19.40
C MET A 311 0.97 41.84 -20.54
N LEU A 312 -0.32 41.50 -20.42
CA LEU A 312 -1.33 41.83 -21.44
C LEU A 312 -1.94 43.23 -21.25
N GLN A 313 -1.93 43.72 -20.02
CA GLN A 313 -2.39 45.05 -19.67
CA GLN A 313 -2.40 45.05 -19.68
C GLN A 313 -1.48 45.57 -18.58
N ASP A 314 -1.65 46.82 -18.19
CA ASP A 314 -0.68 47.37 -17.23
C ASP A 314 -1.26 47.96 -15.95
N SER A 315 -2.53 47.67 -15.66
CA SER A 315 -3.15 48.11 -14.39
C SER A 315 -2.70 47.27 -13.21
N LEU A 316 -3.11 47.68 -12.01
CA LEU A 316 -2.60 47.13 -10.77
C LEU A 316 -2.75 45.57 -10.74
N GLU A 317 -3.98 45.09 -10.90
CA GLU A 317 -4.30 43.65 -10.92
C GLU A 317 -3.15 42.89 -11.61
N HIS A 318 -2.80 43.37 -12.80
CA HIS A 318 -1.88 42.67 -13.68
C HIS A 318 -0.50 42.83 -13.14
N VAL A 319 -0.20 44.02 -12.61
CA VAL A 319 1.13 44.24 -12.01
C VAL A 319 1.34 43.27 -10.84
N GLN A 320 0.30 43.06 -10.06
CA GLN A 320 0.44 42.23 -8.87
C GLN A 320 0.60 40.75 -9.25
N LEU A 321 -0.18 40.29 -10.23
CA LEU A 321 0.02 38.94 -10.78
C LEU A 321 1.45 38.75 -11.19
N PHE A 322 2.02 39.70 -11.91
CA PHE A 322 3.42 39.51 -12.30
C PHE A 322 4.40 39.54 -11.12
N ASP A 323 4.13 40.35 -10.10
CA ASP A 323 5.01 40.35 -8.94
C ASP A 323 4.98 38.99 -8.25
N LEU A 324 3.79 38.43 -8.09
CA LEU A 324 3.69 37.10 -7.46
C LEU A 324 4.37 36.04 -8.30
N MET A 325 4.16 36.07 -9.63
CA MET A 325 4.77 35.09 -10.53
CA MET A 325 4.78 35.08 -10.52
C MET A 325 6.29 35.15 -10.47
N ARG A 326 6.85 36.37 -10.53
CA ARG A 326 8.30 36.58 -10.37
CA ARG A 326 8.32 36.53 -10.39
C ARG A 326 8.81 36.04 -9.04
N ARG A 327 8.05 36.29 -7.98
CA ARG A 327 8.47 35.73 -6.68
C ARG A 327 8.39 34.19 -6.63
N MET A 328 7.40 33.60 -7.32
CA MET A 328 7.27 32.14 -7.40
C MET A 328 8.36 31.52 -8.28
N LEU A 329 8.88 32.29 -9.22
CA LEU A 329 9.91 31.84 -10.15
C LEU A 329 11.31 32.45 -9.80
N GLU A 330 11.53 32.70 -8.53
CA GLU A 330 12.88 33.03 -8.00
C GLU A 330 13.78 31.80 -8.17
N PHE A 331 15.01 31.98 -8.68
CA PHE A 331 15.89 30.83 -8.99
C PHE A 331 16.26 30.04 -7.75
N ASP A 332 16.52 30.79 -6.68
CA ASP A 332 17.02 30.21 -5.45
C ASP A 332 15.83 29.69 -4.65
N PRO A 333 15.76 28.38 -4.50
CA PRO A 333 14.60 27.84 -3.81
C PRO A 333 14.52 28.16 -2.32
N ALA A 334 15.66 28.39 -1.68
CA ALA A 334 15.62 28.84 -0.26
C ALA A 334 15.13 30.27 -0.16
N GLN A 335 15.01 30.98 -1.27
CA GLN A 335 14.54 32.37 -1.24
CA GLN A 335 14.55 32.36 -1.26
C GLN A 335 13.19 32.55 -1.93
N ARG A 336 12.72 31.51 -2.60
CA ARG A 336 11.45 31.53 -3.29
C ARG A 336 10.31 31.67 -2.28
N ILE A 337 9.31 32.43 -2.67
CA ILE A 337 8.14 32.64 -1.83
C ILE A 337 7.54 31.30 -1.43
N THR A 338 7.01 31.25 -0.21
CA THR A 338 6.33 30.01 0.25
C THR A 338 4.89 30.21 -0.05
N LEU A 339 4.12 29.14 0.00
CA LEU A 339 2.69 29.31 -0.27
C LEU A 339 1.97 30.07 0.85
N ALA A 340 2.38 29.79 2.08
CA ALA A 340 1.90 30.56 3.25
C ALA A 340 2.10 32.05 2.96
N GLU A 341 3.25 32.46 2.46
CA GLU A 341 3.47 33.89 2.18
C GLU A 341 2.72 34.31 0.93
N ALA A 342 2.57 33.39 -0.02
CA ALA A 342 1.82 33.66 -1.27
C ALA A 342 0.38 34.01 -0.98
N LEU A 343 -0.22 33.29 -0.03
CA LEU A 343 -1.58 33.58 0.35
C LEU A 343 -1.78 34.98 0.92
N LEU A 344 -0.71 35.66 1.32
CA LEU A 344 -0.82 37.03 1.86
C LEU A 344 -0.56 38.10 0.81
N HIS A 345 -0.16 37.68 -0.39
CA HIS A 345 0.13 38.61 -1.46
C HIS A 345 -1.00 39.52 -1.86
N PRO A 346 -0.69 40.77 -2.22
CA PRO A 346 -1.71 41.76 -2.59
C PRO A 346 -2.60 41.39 -3.76
N PHE A 347 -2.08 40.56 -4.70
CA PHE A 347 -2.87 39.99 -5.79
C PHE A 347 -4.16 39.43 -5.26
N PHE A 348 -4.13 38.83 -4.06
CA PHE A 348 -5.32 38.19 -3.48
C PHE A 348 -6.26 39.12 -2.68
N ALA A 349 -5.86 40.36 -2.39
CA ALA A 349 -6.85 41.35 -1.97
C ALA A 349 -8.03 41.31 -2.98
N GLY A 350 -7.72 41.19 -4.27
CA GLY A 350 -8.72 41.30 -5.34
C GLY A 350 -9.79 40.23 -5.52
N LEU A 351 -9.92 39.29 -4.59
CA LEU A 351 -10.96 38.24 -4.68
C LEU A 351 -12.34 38.70 -4.24
N THR A 352 -13.37 38.18 -4.90
CA THR A 352 -14.72 38.23 -4.38
C THR A 352 -14.71 37.49 -3.03
N PRO A 353 -15.73 37.68 -2.21
CA PRO A 353 -15.73 37.03 -0.90
C PRO A 353 -16.07 35.54 -0.89
N GLU A 354 -17.05 35.16 -1.71
CA GLU A 354 -17.42 33.75 -1.90
C GLU A 354 -16.21 32.96 -2.42
N GLU A 355 -15.56 33.52 -3.42
CA GLU A 355 -14.26 33.02 -3.88
C GLU A 355 -13.21 32.82 -2.76
N ARG A 356 -13.06 33.80 -1.86
CA ARG A 356 -12.05 33.79 -0.78
C ARG A 356 -12.43 32.91 0.39
N SER A 357 -13.71 32.93 0.71
CA SER A 357 -14.26 32.10 1.77
C SER A 357 -14.60 30.73 1.26
N PHE A 358 -14.47 30.50 -0.05
CA PHE A 358 -14.78 29.21 -0.64
C PHE A 358 -16.29 28.92 -0.73
N HIS A 359 -17.08 29.97 -0.95
CA HIS A 359 -18.52 29.84 -1.21
C HIS A 359 -18.81 29.61 -2.70
N THR A 360 -17.77 29.27 -3.47
CA THR A 360 -17.90 29.05 -4.93
C THR A 360 -18.32 27.62 -5.27
N SER B 5 2.20 17.49 21.14
CA SER B 5 2.17 16.00 21.33
C SER B 5 2.84 15.27 20.16
N LYS B 6 3.17 16.02 19.10
CA LYS B 6 3.70 15.48 17.83
C LYS B 6 5.22 15.29 17.83
N ARG B 7 5.68 14.45 16.89
CA ARG B 7 7.10 14.13 16.65
C ARG B 7 7.47 14.49 15.19
N SER B 8 8.51 15.30 15.02
CA SER B 8 9.18 15.49 13.71
C SER B 8 10.58 14.87 13.78
N SER B 9 11.24 14.69 12.62
CA SER B 9 12.35 13.72 12.46
C SER B 9 13.60 13.78 13.43
N ARG B 10 13.72 14.83 14.23
CA ARG B 10 14.76 14.90 15.28
C ARG B 10 14.41 13.98 16.46
N SER B 11 13.15 14.00 16.91
CA SER B 11 12.61 13.01 17.87
C SER B 11 12.50 11.58 17.30
N VAL B 12 12.69 11.42 15.98
CA VAL B 12 12.65 10.11 15.36
C VAL B 12 14.06 9.67 14.98
N GLU B 13 14.43 8.48 15.41
CA GLU B 13 15.80 7.99 15.28
C GLU B 13 15.72 6.52 14.92
N ASP B 14 16.56 6.09 13.98
CA ASP B 14 16.63 4.71 13.60
C ASP B 14 17.98 4.14 14.00
N ASP B 15 18.00 2.90 14.48
CA ASP B 15 19.26 2.25 14.80
C ASP B 15 19.99 1.76 13.54
N LYS B 16 21.12 1.07 13.74
CA LYS B 16 21.98 0.58 12.66
C LYS B 16 21.22 -0.25 11.63
N GLU B 17 20.37 -1.14 12.12
CA GLU B 17 19.56 -1.99 11.25
C GLU B 17 18.50 -1.18 10.44
N GLY B 18 17.86 -0.21 11.09
CA GLY B 18 16.70 0.49 10.52
C GLY B 18 15.47 0.41 11.43
N HIS B 19 15.65 -0.13 12.64
CA HIS B 19 14.60 -0.22 13.65
C HIS B 19 14.32 1.13 14.23
N LEU B 20 13.05 1.44 14.53
CA LEU B 20 12.71 2.69 15.21
C LEU B 20 13.20 2.61 16.66
N VAL B 21 13.81 3.66 17.19
CA VAL B 21 14.23 3.64 18.60
C VAL B 21 13.05 4.08 19.48
N CYS B 22 12.65 3.23 20.41
CA CYS B 22 11.44 3.42 21.20
C CYS B 22 11.66 3.41 22.68
N ARG B 23 10.97 4.29 23.38
CA ARG B 23 10.96 4.33 24.84
C ARG B 23 9.51 4.26 25.28
N ILE B 24 9.27 3.53 26.37
CA ILE B 24 8.01 3.66 27.11
C ILE B 24 7.78 5.16 27.31
N GLY B 25 6.54 5.61 27.11
CA GLY B 25 6.21 7.04 27.20
C GLY B 25 6.21 7.78 25.88
N ASP B 26 6.95 7.28 24.89
CA ASP B 26 6.89 7.87 23.53
C ASP B 26 5.48 7.80 22.91
N TRP B 27 5.24 8.73 22.00
CA TRP B 27 4.00 8.83 21.26
C TRP B 27 4.22 8.69 19.78
N LEU B 28 3.21 8.12 19.11
CA LEU B 28 3.19 8.02 17.66
C LEU B 28 1.87 8.53 17.19
N GLN B 29 1.87 9.30 16.10
CA GLN B 29 0.66 9.88 15.52
C GLN B 29 -0.08 10.77 16.49
N GLU B 30 0.61 11.35 17.48
CA GLU B 30 -0.09 12.04 18.56
C GLU B 30 -1.37 11.26 19.00
N ARG B 31 -1.32 9.91 18.97
CA ARG B 31 -2.49 9.10 19.30
C ARG B 31 -2.17 7.86 20.13
N TYR B 32 -0.99 7.31 19.93
CA TYR B 32 -0.61 6.08 20.57
C TYR B 32 0.54 6.29 21.51
N GLU B 33 0.36 5.83 22.75
CA GLU B 33 1.34 5.95 23.81
C GLU B 33 1.89 4.60 24.18
N ILE B 34 3.17 4.41 23.90
CA ILE B 34 3.84 3.15 24.19
C ILE B 34 3.91 2.92 25.70
N VAL B 35 3.48 1.74 26.13
CA VAL B 35 3.57 1.33 27.50
C VAL B 35 4.32 0.01 27.67
N GLY B 36 4.68 -0.66 26.58
CA GLY B 36 5.42 -1.93 26.68
C GLY B 36 5.96 -2.47 25.39
N ASN B 37 6.91 -3.41 25.54
CA ASN B 37 7.52 -4.14 24.41
C ASN B 37 6.85 -5.52 24.30
N LEU B 38 6.39 -5.91 23.11
CA LEU B 38 5.72 -7.21 22.96
C LEU B 38 6.56 -8.17 22.16
N GLY B 39 7.65 -7.72 21.57
CA GLY B 39 8.49 -8.62 20.77
C GLY B 39 9.12 -7.95 19.57
N GLU B 40 10.10 -8.64 18.99
CA GLU B 40 10.78 -8.25 17.77
C GLU B 40 10.85 -9.43 16.83
N GLY B 41 10.99 -9.13 15.55
CA GLY B 41 11.32 -10.13 14.53
C GLY B 41 12.21 -9.43 13.50
N THR B 42 12.42 -10.09 12.37
CA THR B 42 13.23 -9.51 11.29
C THR B 42 12.55 -8.28 10.70
N PHE B 43 11.21 -8.27 10.73
CA PHE B 43 10.41 -7.19 10.11
C PHE B 43 10.51 -5.87 10.85
N GLY B 44 10.76 -5.96 12.15
CA GLY B 44 10.61 -4.83 13.07
C GLY B 44 10.18 -5.31 14.46
N LYS B 45 9.29 -4.55 15.09
CA LYS B 45 8.90 -4.80 16.47
C LYS B 45 7.44 -4.53 16.72
N VAL B 46 6.94 -5.15 17.77
CA VAL B 46 5.57 -4.95 18.12
C VAL B 46 5.58 -4.39 19.53
N VAL B 47 4.84 -3.30 19.74
CA VAL B 47 4.78 -2.70 21.08
C VAL B 47 3.33 -2.59 21.51
N GLU B 48 3.09 -2.56 22.83
CA GLU B 48 1.79 -2.30 23.41
C GLU B 48 1.68 -0.79 23.60
N CYS B 49 0.51 -0.25 23.29
CA CYS B 49 0.21 1.16 23.38
C CYS B 49 -1.16 1.29 23.96
N LEU B 50 -1.40 2.45 24.57
CA LEU B 50 -2.73 2.94 24.90
C LEU B 50 -3.12 3.83 23.73
N ASP B 51 -4.32 3.63 23.24
CA ASP B 51 -4.88 4.39 22.15
C ASP B 51 -5.78 5.44 22.77
N HIS B 52 -5.31 6.69 22.72
CA HIS B 52 -5.94 7.81 23.43
C HIS B 52 -7.11 8.38 22.69
N ALA B 53 -7.24 8.01 21.42
CA ALA B 53 -8.37 8.40 20.61
C ALA B 53 -9.56 7.50 20.90
N ARG B 54 -9.34 6.44 21.69
CA ARG B 54 -10.38 5.46 22.00
C ARG B 54 -10.32 5.07 23.46
N GLY B 55 -10.51 6.06 24.33
CA GLY B 55 -10.59 5.85 25.78
C GLY B 55 -9.40 5.10 26.32
N LYS B 56 -8.22 5.42 25.84
CA LYS B 56 -6.99 4.81 26.34
C LYS B 56 -6.95 3.29 26.19
N SER B 57 -7.63 2.71 25.19
CA SER B 57 -7.62 1.24 25.11
C SER B 57 -6.29 0.65 24.63
N GLN B 58 -6.13 -0.63 24.90
CA GLN B 58 -4.87 -1.30 24.70
C GLN B 58 -4.81 -1.80 23.26
N VAL B 59 -3.67 -1.57 22.60
CA VAL B 59 -3.49 -2.05 21.24
C VAL B 59 -2.09 -2.64 21.08
N ALA B 60 -1.97 -3.64 20.21
CA ALA B 60 -0.66 -4.07 19.76
C ALA B 60 -0.38 -3.25 18.50
N LEU B 61 0.78 -2.58 18.49
CA LEU B 61 1.23 -1.82 17.36
C LEU B 61 2.48 -2.46 16.75
N LYS B 62 2.32 -2.87 15.52
CA LYS B 62 3.38 -3.46 14.78
C LYS B 62 4.09 -2.36 14.02
N ILE B 63 5.41 -2.28 14.19
CA ILE B 63 6.24 -1.26 13.61
C ILE B 63 7.24 -1.92 12.67
N ILE B 64 7.12 -1.63 11.39
CA ILE B 64 8.02 -2.17 10.39
C ILE B 64 9.31 -1.35 10.30
N ARG B 65 10.44 -2.02 10.10
CA ARG B 65 11.76 -1.39 9.84
C ARG B 65 11.72 -0.44 8.62
N ASN B 66 12.43 0.68 8.73
CA ASN B 66 12.51 1.68 7.70
C ASN B 66 13.52 1.25 6.61
N VAL B 67 13.25 0.11 5.98
CA VAL B 67 14.09 -0.47 4.96
C VAL B 67 13.19 -0.83 3.80
N GLY B 68 13.66 -0.56 2.58
CA GLY B 68 12.85 -0.68 1.35
C GLY B 68 12.02 -1.93 1.21
N LYS B 69 12.67 -3.10 1.23
CA LYS B 69 11.98 -4.40 1.09
C LYS B 69 10.91 -4.62 2.15
N TYR B 70 11.20 -4.20 3.38
CA TYR B 70 10.30 -4.38 4.50
C TYR B 70 9.05 -3.48 4.36
N ARG B 71 9.29 -2.22 4.00
CA ARG B 71 8.19 -1.28 3.77
C ARG B 71 7.26 -1.78 2.65
N GLU B 72 7.84 -2.28 1.56
CA GLU B 72 7.07 -2.79 0.43
C GLU B 72 6.15 -3.97 0.87
N ALA B 73 6.73 -4.94 1.58
CA ALA B 73 6.00 -6.12 2.02
C ALA B 73 4.86 -5.70 2.95
N ALA B 74 5.13 -4.80 3.87
CA ALA B 74 4.11 -4.22 4.73
C ALA B 74 2.92 -3.63 3.97
N ARG B 75 3.17 -2.94 2.89
CA ARG B 75 2.05 -2.41 2.12
C ARG B 75 1.15 -3.55 1.58
N LEU B 76 1.78 -4.64 1.21
CA LEU B 76 1.03 -5.84 0.77
C LEU B 76 0.26 -6.48 1.91
N GLU B 77 0.86 -6.50 3.09
CA GLU B 77 0.19 -6.99 4.31
C GLU B 77 -1.06 -6.18 4.65
N ILE B 78 -0.95 -4.88 4.50
CA ILE B 78 -2.06 -3.99 4.79
C ILE B 78 -3.28 -4.22 3.81
N ASN B 79 -2.96 -4.46 2.55
CA ASN B 79 -3.95 -4.88 1.53
C ASN B 79 -4.64 -6.20 1.90
N VAL B 80 -3.92 -7.21 2.33
CA VAL B 80 -4.61 -8.43 2.84
C VAL B 80 -5.53 -8.12 4.06
N LEU B 81 -5.03 -7.36 5.01
CA LEU B 81 -5.76 -7.08 6.24
C LEU B 81 -6.99 -6.25 5.96
N LYS B 82 -6.88 -5.30 5.02
CA LYS B 82 -8.07 -4.54 4.54
C LYS B 82 -9.14 -5.45 3.93
N LYS B 83 -8.76 -6.32 3.00
CA LYS B 83 -9.76 -7.26 2.44
C LYS B 83 -10.44 -8.04 3.56
N ILE B 84 -9.64 -8.64 4.46
CA ILE B 84 -10.18 -9.43 5.56
C ILE B 84 -11.18 -8.61 6.39
N LYS B 85 -10.78 -7.40 6.71
CA LYS B 85 -11.59 -6.54 7.56
C LYS B 85 -12.87 -6.16 6.85
N GLU B 86 -12.81 -5.91 5.54
CA GLU B 86 -14.00 -5.57 4.79
C GLU B 86 -14.98 -6.74 4.69
N LYS B 87 -14.45 -7.97 4.54
CA LYS B 87 -15.33 -9.13 4.41
C LYS B 87 -15.88 -9.69 5.78
N ASP B 88 -15.33 -9.21 6.89
CA ASP B 88 -15.74 -9.65 8.22
C ASP B 88 -16.07 -8.45 9.08
N LYS B 89 -17.04 -7.65 8.65
CA LYS B 89 -17.39 -6.45 9.39
C LYS B 89 -18.13 -6.83 10.65
N GLU B 90 -18.55 -8.11 10.76
CA GLU B 90 -19.12 -8.60 12.01
C GLU B 90 -18.12 -9.28 12.96
N ASN B 91 -16.83 -9.23 12.64
CA ASN B 91 -15.82 -9.69 13.56
C ASN B 91 -15.98 -11.17 13.93
N LYS B 92 -16.36 -12.01 12.99
CA LYS B 92 -16.83 -13.35 13.29
C LYS B 92 -15.80 -14.44 12.91
N PHE B 93 -14.77 -14.10 12.09
CA PHE B 93 -13.94 -15.15 11.40
C PHE B 93 -12.54 -15.31 11.92
N LEU B 94 -12.22 -14.58 12.96
CA LEU B 94 -11.10 -14.91 13.88
C LEU B 94 -9.70 -14.69 13.28
N CYS B 95 -9.61 -13.87 12.23
CA CYS B 95 -8.35 -13.35 11.78
C CYS B 95 -8.15 -11.96 12.39
N VAL B 96 -6.94 -11.68 12.84
CA VAL B 96 -6.68 -10.40 13.46
C VAL B 96 -7.25 -9.24 12.60
N LEU B 97 -7.95 -8.33 13.25
CA LEU B 97 -8.64 -7.25 12.58
C LEU B 97 -7.83 -5.99 12.83
N MET B 98 -7.37 -5.38 11.77
CA MET B 98 -6.62 -4.12 11.79
C MET B 98 -7.54 -3.01 12.22
N SER B 99 -7.13 -2.25 13.22
CA SER B 99 -7.87 -1.02 13.61
C SER B 99 -7.37 0.23 12.85
N ASP B 100 -6.12 0.26 12.40
CA ASP B 100 -5.55 1.50 11.83
C ASP B 100 -4.27 1.10 11.18
N TRP B 101 -3.81 1.87 10.21
CA TRP B 101 -2.42 1.76 9.79
C TRP B 101 -1.93 3.12 9.39
N PHE B 102 -0.61 3.30 9.35
CA PHE B 102 -0.02 4.56 8.92
C PHE B 102 1.46 4.43 8.63
N ASN B 103 1.98 5.46 7.98
CA ASN B 103 3.40 5.59 7.66
C ASN B 103 4.05 6.59 8.62
N PHE B 104 4.80 6.08 9.59
CA PHE B 104 5.46 6.96 10.58
C PHE B 104 6.92 7.11 10.19
N HIS B 105 7.23 8.24 9.54
CA HIS B 105 8.57 8.56 9.06
C HIS B 105 9.26 7.42 8.34
N GLY B 106 8.50 6.75 7.45
CA GLY B 106 9.01 5.56 6.72
C GLY B 106 8.85 4.19 7.41
N HIS B 107 8.39 4.15 8.67
CA HIS B 107 8.06 2.88 9.30
C HIS B 107 6.59 2.70 9.10
N MET B 108 6.21 1.65 8.36
CA MET B 108 4.77 1.31 8.32
C MET B 108 4.34 0.70 9.66
N CYS B 109 3.26 1.24 10.22
CA CYS B 109 2.71 0.81 11.49
C CYS B 109 1.29 0.28 11.30
N ILE B 110 0.98 -0.83 11.97
CA ILE B 110 -0.35 -1.44 11.94
C ILE B 110 -0.80 -1.66 13.35
N ALA B 111 -2.02 -1.19 13.63
CA ALA B 111 -2.64 -1.32 14.97
C ALA B 111 -3.71 -2.43 15.03
N PHE B 112 -3.61 -3.24 16.08
CA PHE B 112 -4.52 -4.34 16.35
C PHE B 112 -4.96 -4.33 17.77
N GLU B 113 -6.03 -5.06 18.04
CA GLU B 113 -6.42 -5.32 19.42
C GLU B 113 -5.29 -6.10 20.11
N LEU B 114 -5.08 -5.83 21.40
CA LEU B 114 -4.13 -6.54 22.19
C LEU B 114 -4.63 -7.94 22.51
N LEU B 115 -3.82 -8.94 22.29
CA LEU B 115 -4.19 -10.33 22.57
C LEU B 115 -3.13 -10.92 23.54
N GLY B 116 -3.26 -12.20 23.88
CA GLY B 116 -2.38 -12.89 24.79
C GLY B 116 -1.23 -13.61 24.14
N LYS B 117 -0.68 -14.62 24.81
CA LYS B 117 0.46 -15.33 24.24
C LYS B 117 0.01 -16.13 23.00
N ASN B 118 0.98 -16.37 22.13
CA ASN B 118 0.78 -17.32 21.05
C ASN B 118 0.83 -18.77 21.55
N THR B 119 0.34 -19.67 20.71
CA THR B 119 0.13 -21.04 21.17
C THR B 119 1.46 -21.82 21.27
N PHE B 120 2.49 -21.38 20.54
CA PHE B 120 3.82 -21.96 20.76
C PHE B 120 4.37 -21.58 22.15
N GLU B 121 4.38 -20.28 22.41
CA GLU B 121 4.87 -19.73 23.68
C GLU B 121 4.17 -20.37 24.88
N PHE B 122 2.85 -20.49 24.77
CA PHE B 122 2.11 -21.09 25.86
C PHE B 122 2.60 -22.51 26.05
N LEU B 123 2.82 -23.22 24.96
CA LEU B 123 3.26 -24.64 25.04
C LEU B 123 4.69 -24.76 25.67
N LYS B 124 5.57 -23.88 25.24
CA LYS B 124 6.93 -23.79 25.79
C LYS B 124 6.95 -23.54 27.30
N GLU B 125 6.16 -22.56 27.74
CA GLU B 125 6.01 -22.24 29.16
C GLU B 125 5.38 -23.39 29.96
N ASN B 126 4.80 -24.36 29.24
CA ASN B 126 4.18 -25.54 29.83
C ASN B 126 5.06 -26.75 29.68
N ASN B 127 6.34 -26.49 29.37
CA ASN B 127 7.36 -27.56 29.23
C ASN B 127 6.99 -28.53 28.12
N PHE B 128 6.32 -28.03 27.07
CA PHE B 128 5.93 -28.85 25.91
C PHE B 128 5.00 -29.97 26.25
N GLN B 129 4.37 -29.82 27.39
CA GLN B 129 3.30 -30.73 27.78
CA GLN B 129 3.30 -30.74 27.75
C GLN B 129 2.12 -30.34 26.84
N PRO B 130 1.54 -31.32 26.14
CA PRO B 130 0.51 -31.03 25.13
C PRO B 130 -0.78 -30.46 25.66
N TYR B 131 -1.55 -29.83 24.79
CA TYR B 131 -2.90 -29.39 25.16
C TYR B 131 -3.82 -30.63 25.26
N PRO B 132 -4.75 -30.61 26.22
CA PRO B 132 -5.68 -31.72 26.19
C PRO B 132 -6.55 -31.75 24.94
N LEU B 133 -7.04 -32.94 24.59
CA LEU B 133 -7.79 -33.13 23.34
CA LEU B 133 -7.80 -33.14 23.34
C LEU B 133 -8.98 -32.16 23.16
N PRO B 134 -9.69 -31.83 24.24
CA PRO B 134 -10.82 -30.89 24.08
C PRO B 134 -10.37 -29.47 23.69
N HIS B 135 -9.12 -29.12 24.07
CA HIS B 135 -8.50 -27.91 23.65
C HIS B 135 -8.03 -28.00 22.21
N VAL B 136 -7.40 -29.13 21.88
CA VAL B 136 -6.97 -29.34 20.56
C VAL B 136 -8.19 -29.21 19.64
N ARG B 137 -9.31 -29.80 20.02
CA ARG B 137 -10.52 -29.81 19.22
C ARG B 137 -11.07 -28.42 18.98
N HIS B 138 -11.17 -27.61 20.02
CA HIS B 138 -11.73 -26.31 19.87
C HIS B 138 -10.80 -25.42 19.08
N MET B 139 -9.50 -25.57 19.27
CA MET B 139 -8.53 -24.82 18.48
C MET B 139 -8.51 -25.23 16.99
N ALA B 140 -8.61 -26.52 16.71
CA ALA B 140 -8.71 -27.00 15.35
C ALA B 140 -9.95 -26.37 14.70
N TYR B 141 -11.08 -26.46 15.37
CA TYR B 141 -12.32 -25.95 14.79
C TYR B 141 -12.15 -24.51 14.35
N GLN B 142 -11.63 -23.71 15.25
CA GLN B 142 -11.43 -22.30 15.01
C GLN B 142 -10.46 -22.05 13.88
N LEU B 143 -9.39 -22.84 13.81
CA LEU B 143 -8.43 -22.71 12.68
C LEU B 143 -9.10 -23.00 11.35
N CYS B 144 -9.92 -24.04 11.31
CA CYS B 144 -10.64 -24.45 10.12
C CYS B 144 -11.64 -23.36 9.69
N HIS B 145 -12.35 -22.79 10.62
CA HIS B 145 -13.30 -21.73 10.36
C HIS B 145 -12.61 -20.48 9.83
N ALA B 146 -11.50 -20.09 10.48
CA ALA B 146 -10.81 -18.85 10.13
C ALA B 146 -10.23 -18.95 8.70
N LEU B 147 -9.62 -20.08 8.41
CA LEU B 147 -8.91 -20.22 7.13
C LEU B 147 -9.87 -20.61 5.96
N ARG B 148 -10.99 -21.24 6.26
CA ARG B 148 -12.05 -21.44 5.26
C ARG B 148 -12.53 -20.11 4.74
N PHE B 149 -12.83 -19.20 5.67
CA PHE B 149 -13.11 -17.83 5.36
C PHE B 149 -12.02 -17.19 4.47
N LEU B 150 -10.75 -17.36 4.81
CA LEU B 150 -9.65 -16.78 4.01
C LEU B 150 -9.62 -17.39 2.60
N HIS B 151 -9.72 -18.71 2.56
CA HIS B 151 -9.79 -19.45 1.33
C HIS B 151 -10.94 -19.04 0.39
N GLU B 152 -12.08 -18.65 0.96
CA GLU B 152 -13.23 -18.25 0.19
C GLU B 152 -12.98 -16.89 -0.45
N ASN B 153 -12.03 -16.14 0.10
CA ASN B 153 -11.67 -14.85 -0.43
C ASN B 153 -10.42 -14.89 -1.27
N GLN B 154 -10.16 -16.01 -1.93
CA GLN B 154 -9.03 -16.10 -2.88
C GLN B 154 -7.67 -15.79 -2.25
N LEU B 155 -7.56 -16.14 -0.96
CA LEU B 155 -6.37 -15.90 -0.21
C LEU B 155 -5.82 -17.23 0.32
N THR B 156 -4.51 -17.27 0.39
CA THR B 156 -3.76 -18.36 1.03
C THR B 156 -2.79 -17.70 2.01
N HIS B 157 -2.72 -18.22 3.24
CA HIS B 157 -1.92 -17.59 4.30
C HIS B 157 -0.43 -17.86 4.09
N THR B 158 -0.16 -19.15 3.82
CA THR B 158 1.14 -19.74 3.54
C THR B 158 2.09 -19.91 4.67
N ASP B 159 1.86 -19.30 5.82
CA ASP B 159 2.83 -19.39 6.88
C ASP B 159 2.19 -19.72 8.26
N LEU B 160 1.24 -20.63 8.22
CA LEU B 160 0.62 -21.04 9.43
C LEU B 160 1.55 -21.90 10.26
N LYS B 161 1.63 -21.56 11.54
CA LYS B 161 2.38 -22.32 12.55
C LYS B 161 1.96 -21.89 13.93
N PRO B 162 2.34 -22.67 14.95
CA PRO B 162 1.82 -22.37 16.27
C PRO B 162 2.16 -20.99 16.74
N GLU B 163 3.33 -20.48 16.45
CA GLU B 163 3.65 -19.11 16.84
CA GLU B 163 3.62 -19.12 16.88
C GLU B 163 2.76 -18.02 16.23
N ASN B 164 2.12 -18.29 15.09
CA ASN B 164 1.24 -17.29 14.46
C ASN B 164 -0.22 -17.36 14.85
N ILE B 165 -0.52 -18.24 15.77
CA ILE B 165 -1.82 -18.39 16.36
C ILE B 165 -1.77 -17.90 17.81
N LEU B 166 -2.59 -16.94 18.11
CA LEU B 166 -2.61 -16.22 19.38
C LEU B 166 -3.88 -16.46 20.15
N PHE B 167 -3.73 -16.64 21.46
CA PHE B 167 -4.87 -16.78 22.35
C PHE B 167 -5.43 -15.39 22.55
N VAL B 168 -6.77 -15.23 22.61
CA VAL B 168 -7.36 -13.95 23.01
C VAL B 168 -6.89 -13.58 24.45
N ASN B 169 -6.90 -14.58 25.33
CA ASN B 169 -6.44 -14.41 26.72
C ASN B 169 -5.78 -15.70 27.17
N SER B 170 -4.49 -15.61 27.52
CA SER B 170 -3.67 -16.77 27.86
C SER B 170 -3.54 -17.08 29.34
N GLU B 171 -4.36 -16.45 30.17
CA GLU B 171 -4.38 -16.78 31.60
C GLU B 171 -4.74 -18.24 31.72
N PHE B 172 -4.15 -18.90 32.71
CA PHE B 172 -4.27 -20.35 32.90
C PHE B 172 -4.44 -20.68 34.36
N GLU B 173 -4.74 -21.95 34.60
CA GLU B 173 -4.68 -22.50 35.92
C GLU B 173 -3.71 -23.65 35.93
N THR B 174 -3.01 -23.79 37.05
CA THR B 174 -1.99 -24.79 37.18
C THR B 174 -2.62 -25.97 37.90
N LEU B 175 -2.43 -27.17 37.36
CA LEU B 175 -2.95 -28.39 37.97
C LEU B 175 -1.79 -29.35 38.20
N TYR B 176 -1.96 -30.32 39.11
CA TYR B 176 -0.93 -31.33 39.36
C TYR B 176 -1.26 -32.58 38.55
N ASN B 177 -0.31 -33.03 37.72
CA ASN B 177 -0.50 -34.22 36.89
C ASN B 177 -0.01 -35.44 37.65
N GLU B 178 -0.95 -36.33 37.96
CA GLU B 178 -0.69 -37.50 38.79
C GLU B 178 0.17 -38.53 38.11
N HIS B 179 -0.27 -39.00 36.94
CA HIS B 179 0.53 -39.98 36.21
C HIS B 179 1.93 -39.44 36.02
N LYS B 180 2.05 -38.24 35.43
CA LYS B 180 3.36 -37.68 35.08
C LYS B 180 4.10 -37.03 36.25
N SER B 181 3.60 -37.20 37.47
CA SER B 181 4.17 -36.60 38.68
C SER B 181 4.72 -35.17 38.49
N CYS B 182 3.87 -34.24 38.04
CA CYS B 182 4.25 -32.83 37.87
C CYS B 182 3.06 -31.90 37.69
N GLU B 183 3.35 -30.61 37.73
CA GLU B 183 2.42 -29.53 37.39
C GLU B 183 2.18 -29.39 35.89
N GLU B 184 1.07 -28.74 35.54
CA GLU B 184 0.61 -28.57 34.17
C GLU B 184 -0.26 -27.34 34.08
N LYS B 185 -0.01 -26.54 33.05
CA LYS B 185 -0.80 -25.34 32.84
C LYS B 185 -1.93 -25.67 31.85
N SER B 186 -3.09 -25.08 32.10
CA SER B 186 -4.29 -25.31 31.34
C SER B 186 -4.96 -23.97 31.07
N VAL B 187 -5.03 -23.56 29.79
CA VAL B 187 -5.51 -22.22 29.44
C VAL B 187 -6.98 -22.18 29.84
N LYS B 188 -7.42 -21.04 30.39
CA LYS B 188 -8.79 -20.92 30.88
C LYS B 188 -9.82 -20.75 29.74
N ASN B 189 -9.42 -19.97 28.75
CA ASN B 189 -10.19 -19.76 27.50
C ASN B 189 -9.36 -20.14 26.24
N THR B 190 -9.85 -21.09 25.44
CA THR B 190 -9.18 -21.57 24.21
C THR B 190 -9.52 -20.76 22.95
N SER B 191 -10.13 -19.58 23.09
CA SER B 191 -10.36 -18.73 21.95
C SER B 191 -9.06 -18.23 21.36
N ILE B 192 -8.99 -18.26 20.06
CA ILE B 192 -7.77 -17.86 19.34
C ILE B 192 -8.02 -16.93 18.18
N ARG B 193 -6.94 -16.39 17.67
CA ARG B 193 -6.99 -15.56 16.52
C ARG B 193 -5.85 -15.99 15.60
N VAL B 194 -6.06 -15.90 14.31
CA VAL B 194 -4.99 -16.12 13.34
C VAL B 194 -4.32 -14.80 13.00
N ALA B 195 -2.99 -14.84 13.04
CA ALA B 195 -2.11 -13.67 12.92
C ALA B 195 -1.08 -13.80 11.81
N ASP B 196 -0.35 -12.72 11.60
CA ASP B 196 0.73 -12.61 10.63
C ASP B 196 0.37 -12.94 9.18
N PHE B 197 -0.28 -11.98 8.54
CA PHE B 197 -0.63 -12.06 7.13
C PHE B 197 0.41 -11.51 6.16
N GLY B 198 1.64 -11.42 6.63
CA GLY B 198 2.79 -10.91 5.84
C GLY B 198 3.19 -11.77 4.67
N SER B 199 2.71 -13.02 4.59
CA SER B 199 3.01 -13.88 3.40
C SER B 199 1.79 -14.29 2.61
N ALA B 200 0.65 -13.82 3.07
CA ALA B 200 -0.64 -14.15 2.51
C ALA B 200 -0.68 -13.67 1.10
N THR B 201 -1.12 -14.55 0.20
CA THR B 201 -1.11 -14.34 -1.23
C THR B 201 -2.47 -14.60 -1.92
N PHE B 202 -2.89 -13.63 -2.75
CA PHE B 202 -4.11 -13.71 -3.56
C PHE B 202 -3.92 -14.71 -4.67
N ASP B 203 -4.99 -15.39 -5.06
CA ASP B 203 -4.97 -16.30 -6.21
C ASP B 203 -4.33 -15.64 -7.43
N HIS B 204 -4.69 -14.39 -7.70
CA HIS B 204 -4.24 -13.75 -8.95
C HIS B 204 -2.79 -13.41 -8.87
N GLU B 205 -2.14 -13.48 -7.69
CA GLU B 205 -0.76 -12.99 -7.58
C GLU B 205 0.25 -14.07 -7.96
N HIS B 206 1.48 -13.62 -8.18
CA HIS B 206 2.63 -14.49 -8.45
C HIS B 206 2.87 -15.38 -7.26
N HIS B 207 2.84 -16.69 -7.48
CA HIS B 207 3.13 -17.70 -6.45
C HIS B 207 4.60 -18.11 -6.52
N THR B 208 5.40 -17.65 -5.59
CA THR B 208 6.82 -18.10 -5.57
C THR B 208 6.92 -19.65 -5.45
N THR B 209 8.06 -20.22 -5.85
CA THR B 209 8.26 -21.66 -5.79
C THR B 209 8.11 -22.27 -4.38
N ILE B 210 8.71 -21.60 -3.39
CA ILE B 210 8.88 -22.14 -2.09
C ILE B 210 8.17 -21.19 -1.15
N VAL B 211 7.24 -21.71 -0.36
CA VAL B 211 6.61 -20.97 0.74
C VAL B 211 6.56 -21.87 1.97
N ALA B 212 6.17 -21.26 3.11
CA ALA B 212 5.97 -21.91 4.40
C ALA B 212 7.27 -22.05 5.17
N THR B 213 7.18 -22.05 6.49
CA THR B 213 8.28 -22.45 7.35
C THR B 213 8.47 -23.92 7.15
N ARG B 214 9.73 -24.33 7.15
CA ARG B 214 10.03 -25.69 6.75
C ARG B 214 9.21 -26.74 7.43
N HIS B 215 9.06 -26.68 8.74
CA HIS B 215 8.39 -27.77 9.45
C HIS B 215 6.93 -27.90 9.02
N TYR B 216 6.38 -26.86 8.38
CA TYR B 216 4.93 -26.74 8.09
C TYR B 216 4.65 -26.77 6.56
N ARG B 217 5.69 -27.07 5.79
CA ARG B 217 5.70 -26.94 4.32
C ARG B 217 5.24 -28.26 3.70
N PRO B 218 4.32 -28.23 2.70
CA PRO B 218 3.82 -29.49 2.12
C PRO B 218 4.66 -30.07 1.00
N PRO B 219 4.37 -31.31 0.62
CA PRO B 219 5.15 -32.03 -0.40
C PRO B 219 5.04 -31.37 -1.76
N GLU B 220 3.84 -30.91 -2.15
CA GLU B 220 3.73 -30.20 -3.41
C GLU B 220 4.70 -29.06 -3.55
N VAL B 221 5.04 -28.39 -2.44
CA VAL B 221 5.96 -27.25 -2.50
C VAL B 221 7.42 -27.70 -2.59
N ILE B 222 7.80 -28.68 -1.78
CA ILE B 222 9.12 -29.26 -1.84
C ILE B 222 9.35 -29.80 -3.26
N LEU B 223 8.35 -30.52 -3.78
CA LEU B 223 8.42 -31.06 -5.18
C LEU B 223 8.17 -30.05 -6.31
N GLU B 224 7.93 -28.80 -5.94
CA GLU B 224 7.70 -27.70 -6.88
C GLU B 224 6.59 -28.00 -7.92
N LEU B 225 5.49 -28.56 -7.41
CA LEU B 225 4.31 -28.87 -8.20
C LEU B 225 3.27 -27.69 -8.20
N GLY B 226 3.70 -26.50 -7.74
CA GLY B 226 2.78 -25.40 -7.49
C GLY B 226 1.97 -25.61 -6.21
N TRP B 227 1.45 -24.52 -5.66
CA TRP B 227 0.61 -24.62 -4.48
C TRP B 227 -0.52 -23.61 -4.52
N ALA B 228 -1.51 -23.84 -3.69
CA ALA B 228 -2.63 -22.92 -3.53
C ALA B 228 -3.15 -23.13 -2.08
N GLN B 229 -4.44 -22.88 -1.87
CA GLN B 229 -5.08 -23.05 -0.56
C GLN B 229 -4.78 -24.41 0.18
N PRO B 230 -4.56 -25.50 -0.57
CA PRO B 230 -4.29 -26.73 0.18
C PRO B 230 -3.01 -26.68 0.98
N CYS B 231 -2.08 -25.82 0.58
CA CYS B 231 -0.89 -25.51 1.40
C CYS B 231 -1.24 -25.29 2.88
N ASP B 232 -2.16 -24.40 3.17
CA ASP B 232 -2.62 -24.10 4.51
C ASP B 232 -3.24 -25.32 5.20
N VAL B 233 -3.81 -26.26 4.47
CA VAL B 233 -4.52 -27.37 5.14
C VAL B 233 -3.45 -28.28 5.68
N TRP B 234 -2.39 -28.46 4.91
CA TRP B 234 -1.28 -29.26 5.36
C TRP B 234 -0.72 -28.70 6.65
N SER B 235 -0.40 -27.40 6.62
CA SER B 235 0.12 -26.73 7.77
C SER B 235 -0.79 -26.96 9.01
N ILE B 236 -2.12 -26.84 8.84
CA ILE B 236 -3.01 -27.06 9.95
C ILE B 236 -2.88 -28.50 10.49
N GLY B 237 -2.64 -29.47 9.62
CA GLY B 237 -2.50 -30.82 10.08
C GLY B 237 -1.30 -30.91 10.98
N CYS B 238 -0.17 -30.36 10.51
CA CYS B 238 1.10 -30.32 11.29
C CYS B 238 0.86 -29.62 12.65
N ILE B 239 0.10 -28.56 12.62
CA ILE B 239 -0.17 -27.76 13.84
C ILE B 239 -0.96 -28.63 14.81
N LEU B 240 -1.98 -29.35 14.33
CA LEU B 240 -2.82 -30.16 15.22
C LEU B 240 -2.03 -31.27 15.85
N PHE B 241 -1.09 -31.82 15.09
CA PHE B 241 -0.27 -32.84 15.66
C PHE B 241 0.60 -32.22 16.79
N GLU B 242 1.15 -31.05 16.56
CA GLU B 242 2.04 -30.47 17.54
C GLU B 242 1.26 -30.02 18.84
N TYR B 243 -0.01 -29.62 18.69
CA TYR B 243 -0.86 -29.31 19.85
C TYR B 243 -1.17 -30.54 20.69
N TYR B 244 -1.31 -31.65 20.01
CA TYR B 244 -1.71 -32.87 20.59
C TYR B 244 -0.55 -33.65 21.26
N ARG B 245 0.69 -33.51 20.74
CA ARG B 245 1.87 -34.23 21.28
C ARG B 245 2.83 -33.29 21.94
N GLY B 246 2.89 -32.08 21.48
CA GLY B 246 3.69 -31.10 22.09
C GLY B 246 5.02 -30.98 21.42
N PHE B 247 5.31 -31.82 20.45
CA PHE B 247 6.51 -31.70 19.62
C PHE B 247 6.14 -31.66 18.12
N THR B 248 7.09 -31.14 17.32
CA THR B 248 6.90 -30.87 15.92
C THR B 248 6.84 -32.19 15.16
N LEU B 249 5.87 -32.31 14.26
CA LEU B 249 5.74 -33.51 13.50
C LEU B 249 6.94 -33.72 12.57
N PHE B 250 7.36 -32.68 11.85
CA PHE B 250 8.53 -32.74 10.96
C PHE B 250 9.68 -31.86 11.46
N GLN B 251 10.58 -32.46 12.26
CA GLN B 251 11.65 -31.68 12.90
C GLN B 251 12.84 -31.79 11.99
N THR B 252 12.77 -31.05 10.88
CA THR B 252 13.61 -31.20 9.74
C THR B 252 14.28 -29.89 9.33
N HIS B 253 15.41 -30.07 8.66
CA HIS B 253 16.17 -28.94 8.15
C HIS B 253 16.57 -29.11 6.70
N GLU B 254 16.11 -30.13 6.02
CA GLU B 254 16.54 -30.38 4.62
C GLU B 254 15.50 -31.20 3.86
N ASN B 255 15.36 -30.92 2.54
CA ASN B 255 14.24 -31.44 1.74
C ASN B 255 14.19 -32.94 1.63
N ARG B 256 15.35 -33.55 1.31
CA ARG B 256 15.41 -34.97 1.13
C ARG B 256 15.01 -35.65 2.42
N GLU B 257 15.59 -35.19 3.53
CA GLU B 257 15.27 -35.72 4.84
C GLU B 257 13.76 -35.51 5.10
N HIS B 258 13.25 -34.30 4.80
CA HIS B 258 11.80 -33.98 4.98
C HIS B 258 10.92 -34.98 4.26
N LEU B 259 11.27 -35.35 3.04
CA LEU B 259 10.43 -36.32 2.30
C LEU B 259 10.48 -37.74 2.84
N VAL B 260 11.66 -38.16 3.34
CA VAL B 260 11.75 -39.47 4.01
C VAL B 260 10.82 -39.44 5.24
N MET B 261 10.84 -38.33 5.97
CA MET B 261 9.95 -38.25 7.17
C MET B 261 8.50 -38.45 6.74
N MET B 262 8.09 -37.79 5.67
CA MET B 262 6.72 -37.99 5.16
C MET B 262 6.43 -39.42 4.81
N GLU B 263 7.37 -40.09 4.13
CA GLU B 263 7.16 -41.49 3.82
C GLU B 263 7.08 -42.35 5.03
N LYS B 264 8.01 -42.15 5.96
CA LYS B 264 8.03 -42.97 7.17
C LYS B 264 6.75 -42.72 7.92
N ILE B 265 6.29 -41.45 7.92
CA ILE B 265 5.12 -41.14 8.79
C ILE B 265 3.78 -41.47 8.13
N LEU B 266 3.64 -41.18 6.84
CA LEU B 266 2.32 -41.15 6.20
C LEU B 266 2.12 -42.19 5.09
N GLY B 267 3.23 -42.82 4.68
CA GLY B 267 3.25 -43.71 3.54
C GLY B 267 3.95 -43.14 2.32
N PRO B 268 3.99 -43.93 1.25
CA PRO B 268 4.71 -43.51 0.05
C PRO B 268 4.04 -42.35 -0.69
N ILE B 269 4.89 -41.48 -1.18
CA ILE B 269 4.53 -40.42 -2.08
C ILE B 269 3.85 -41.06 -3.33
N PRO B 270 2.65 -40.60 -3.73
CA PRO B 270 2.02 -41.17 -4.91
C PRO B 270 2.87 -40.99 -6.17
N SER B 271 2.98 -42.07 -6.97
CA SER B 271 3.79 -42.10 -8.18
C SER B 271 3.50 -40.93 -9.10
N HIS B 272 2.23 -40.58 -9.25
CA HIS B 272 1.93 -39.50 -10.17
C HIS B 272 2.58 -38.21 -9.76
N MET B 273 2.77 -37.98 -8.46
CA MET B 273 3.50 -36.77 -8.06
C MET B 273 5.00 -36.89 -8.35
N ILE B 274 5.52 -38.11 -8.29
CA ILE B 274 6.93 -38.34 -8.65
C ILE B 274 7.17 -38.21 -10.16
N HIS B 275 6.21 -38.68 -10.95
CA HIS B 275 6.34 -38.54 -12.41
C HIS B 275 6.28 -37.08 -12.81
N ARG B 276 5.55 -36.27 -12.03
CA ARG B 276 5.27 -34.86 -12.40
C ARG B 276 6.36 -33.89 -11.97
N THR B 277 7.06 -34.23 -10.88
CA THR B 277 7.98 -33.27 -10.29
C THR B 277 9.23 -33.17 -11.12
N ARG B 278 9.84 -31.98 -11.11
CA ARG B 278 11.14 -31.76 -11.72
C ARG B 278 12.32 -32.13 -10.86
N LYS B 279 12.06 -32.40 -9.58
CA LYS B 279 13.11 -32.68 -8.62
C LYS B 279 13.39 -34.20 -8.60
N GLN B 280 13.84 -34.72 -9.72
CA GLN B 280 14.04 -36.14 -9.82
C GLN B 280 15.28 -36.62 -9.02
N LYS B 281 16.14 -35.69 -8.57
CA LYS B 281 17.31 -36.05 -7.76
C LYS B 281 16.99 -36.70 -6.41
N TYR B 282 15.73 -36.68 -6.04
CA TYR B 282 15.29 -37.27 -4.79
C TYR B 282 14.82 -38.70 -5.06
N PHE B 283 14.75 -39.07 -6.34
CA PHE B 283 14.17 -40.33 -6.73
C PHE B 283 15.06 -41.19 -7.65
N TYR B 284 14.71 -42.48 -7.72
CA TYR B 284 15.45 -43.48 -8.50
C TYR B 284 14.59 -44.76 -8.62
N LYS B 285 14.26 -45.16 -9.84
CA LYS B 285 13.35 -46.30 -10.06
C LYS B 285 11.93 -46.05 -9.47
N GLY B 286 11.49 -44.80 -9.51
CA GLY B 286 10.22 -44.38 -8.92
C GLY B 286 10.21 -44.39 -7.40
N GLY B 287 11.41 -44.47 -6.80
CA GLY B 287 11.57 -44.60 -5.36
C GLY B 287 12.37 -43.48 -4.75
N LEU B 288 12.04 -43.12 -3.51
CA LEU B 288 12.75 -42.09 -2.80
C LEU B 288 14.17 -42.59 -2.60
N VAL B 289 15.16 -41.70 -2.75
CA VAL B 289 16.58 -42.08 -2.69
C VAL B 289 17.29 -41.30 -1.57
N TRP B 290 17.90 -42.04 -0.64
CA TRP B 290 18.56 -41.46 0.54
C TRP B 290 19.61 -42.34 1.19
N ASP B 291 20.41 -41.72 2.05
CA ASP B 291 21.53 -42.35 2.74
C ASP B 291 21.08 -42.64 4.16
N GLU B 292 20.72 -43.90 4.37
CA GLU B 292 20.24 -44.37 5.64
C GLU B 292 21.35 -44.34 6.74
N ASN B 293 22.63 -44.38 6.35
CA ASN B 293 23.78 -44.26 7.26
C ASN B 293 24.24 -42.87 7.64
N SER B 294 23.67 -41.84 7.04
CA SER B 294 24.04 -40.46 7.38
C SER B 294 23.43 -40.12 8.69
N SER B 295 23.88 -39.01 9.25
CA SER B 295 23.27 -38.47 10.48
C SER B 295 21.78 -38.27 10.35
N ASP B 296 21.36 -37.74 9.23
CA ASP B 296 19.93 -37.47 9.01
C ASP B 296 19.12 -38.72 8.85
N GLY B 297 19.65 -39.70 8.14
CA GLY B 297 19.00 -40.98 7.96
C GLY B 297 18.84 -41.79 9.22
N ARG B 298 19.86 -41.82 10.05
CA ARG B 298 19.73 -42.47 11.32
C ARG B 298 18.78 -41.68 12.22
N TYR B 299 18.82 -40.34 12.16
CA TYR B 299 17.83 -39.52 12.91
C TYR B 299 16.38 -39.97 12.58
N VAL B 300 16.08 -39.92 11.28
CA VAL B 300 14.76 -40.22 10.74
C VAL B 300 14.31 -41.67 11.07
N LYS B 301 15.23 -42.63 10.95
CA LYS B 301 14.92 -44.04 11.20
C LYS B 301 14.67 -44.29 12.70
N GLU B 302 15.46 -43.63 13.52
CA GLU B 302 15.30 -43.75 14.96
C GLU B 302 13.99 -43.11 15.45
N ASN B 303 13.66 -41.95 14.90
CA ASN B 303 12.63 -41.06 15.45
C ASN B 303 11.28 -41.05 14.68
N CYS B 304 11.29 -41.26 13.37
CA CYS B 304 10.04 -41.14 12.59
C CYS B 304 9.34 -42.50 12.44
N LYS B 305 8.07 -42.50 12.87
CA LYS B 305 7.22 -43.66 12.93
C LYS B 305 5.86 -43.35 12.31
N PRO B 306 5.11 -44.41 11.95
CA PRO B 306 3.77 -44.22 11.35
C PRO B 306 2.88 -43.28 12.15
N LEU B 307 2.08 -42.45 11.48
CA LEU B 307 1.21 -41.45 12.17
C LEU B 307 0.36 -42.09 13.28
N LYS B 308 -0.26 -43.22 12.98
CA LYS B 308 -1.11 -43.89 13.96
C LYS B 308 -0.42 -44.20 15.29
N SER B 309 0.87 -44.53 15.24
CA SER B 309 1.60 -44.85 16.45
C SER B 309 1.63 -43.71 17.46
N TYR B 310 1.38 -42.47 17.03
CA TYR B 310 1.51 -41.36 17.94
C TYR B 310 0.24 -41.06 18.75
N MET B 311 -0.84 -41.82 18.55
CA MET B 311 -2.06 -41.61 19.34
C MET B 311 -1.78 -41.86 20.82
N LEU B 312 -2.37 -41.04 21.69
CA LEU B 312 -2.15 -41.13 23.12
C LEU B 312 -3.22 -42.02 23.82
N GLN B 313 -4.41 -42.07 23.27
CA GLN B 313 -5.48 -42.97 23.70
C GLN B 313 -6.19 -43.44 22.47
N ASP B 314 -7.11 -44.40 22.61
CA ASP B 314 -7.91 -44.81 21.45
C ASP B 314 -9.43 -44.84 21.61
N SER B 315 -9.99 -44.00 22.45
CA SER B 315 -11.42 -43.75 22.39
C SER B 315 -11.76 -43.08 21.05
N LEU B 316 -13.06 -42.99 20.77
CA LEU B 316 -13.60 -42.43 19.54
C LEU B 316 -12.94 -41.06 19.21
N GLU B 317 -12.97 -40.13 20.16
CA GLU B 317 -12.46 -38.77 19.98
C GLU B 317 -11.06 -38.75 19.36
N HIS B 318 -10.21 -39.64 19.88
CA HIS B 318 -8.84 -39.70 19.43
C HIS B 318 -8.68 -40.29 18.08
N VAL B 319 -9.48 -41.31 17.77
CA VAL B 319 -9.44 -41.96 16.47
C VAL B 319 -9.90 -40.93 15.38
N GLN B 320 -10.92 -40.14 15.70
CA GLN B 320 -11.44 -39.12 14.81
C GLN B 320 -10.47 -37.95 14.58
N LEU B 321 -9.79 -37.49 15.63
CA LEU B 321 -8.72 -36.54 15.47
C LEU B 321 -7.75 -37.07 14.48
N PHE B 322 -7.32 -38.30 14.64
CA PHE B 322 -6.28 -38.83 13.75
C PHE B 322 -6.74 -39.00 12.31
N ASP B 323 -8.02 -39.28 12.12
CA ASP B 323 -8.58 -39.45 10.76
C ASP B 323 -8.59 -38.11 10.03
N LEU B 324 -9.00 -37.06 10.74
CA LEU B 324 -8.97 -35.71 10.19
C LEU B 324 -7.56 -35.31 9.85
N MET B 325 -6.63 -35.55 10.77
CA MET B 325 -5.20 -35.22 10.57
CA MET B 325 -5.21 -35.20 10.56
C MET B 325 -4.65 -35.86 9.33
N ARG B 326 -4.85 -37.18 9.21
CA ARG B 326 -4.47 -37.93 8.01
CA ARG B 326 -4.45 -37.92 8.01
C ARG B 326 -5.04 -37.32 6.73
N ARG B 327 -6.30 -36.95 6.74
CA ARG B 327 -6.87 -36.33 5.52
C ARG B 327 -6.30 -34.91 5.27
N MET B 328 -6.01 -34.16 6.31
CA MET B 328 -5.26 -32.89 6.11
C MET B 328 -3.81 -33.14 5.61
N LEU B 329 -3.25 -34.32 5.91
CA LEU B 329 -1.86 -34.61 5.52
C LEU B 329 -1.80 -35.56 4.30
N GLU B 330 -2.89 -35.64 3.55
CA GLU B 330 -2.89 -36.24 2.21
C GLU B 330 -1.79 -35.65 1.28
N PHE B 331 -0.95 -36.50 0.69
CA PHE B 331 0.14 -36.04 -0.17
C PHE B 331 -0.35 -35.16 -1.34
N ASP B 332 -1.44 -35.59 -1.96
CA ASP B 332 -1.92 -34.99 -3.16
C ASP B 332 -2.79 -33.79 -2.81
N PRO B 333 -2.37 -32.58 -3.16
CA PRO B 333 -3.19 -31.42 -2.76
C PRO B 333 -4.60 -31.42 -3.38
N ALA B 334 -4.70 -31.90 -4.61
CA ALA B 334 -5.97 -32.08 -5.30
C ALA B 334 -6.88 -33.01 -4.51
N GLN B 335 -6.36 -33.92 -3.71
CA GLN B 335 -7.25 -34.83 -2.98
C GLN B 335 -7.35 -34.52 -1.47
N ARG B 336 -6.48 -33.66 -0.97
CA ARG B 336 -6.51 -33.27 0.42
C ARG B 336 -7.86 -32.62 0.83
N ILE B 337 -8.35 -32.94 2.02
CA ILE B 337 -9.59 -32.38 2.55
C ILE B 337 -9.56 -30.84 2.47
N THR B 338 -10.70 -30.23 2.14
CA THR B 338 -10.76 -28.77 2.10
C THR B 338 -11.23 -28.38 3.46
N LEU B 339 -11.09 -27.12 3.84
CA LEU B 339 -11.54 -26.75 5.19
C LEU B 339 -13.07 -26.74 5.28
N ALA B 340 -13.75 -26.34 4.21
CA ALA B 340 -15.23 -26.49 4.14
C ALA B 340 -15.64 -27.93 4.46
N GLU B 341 -14.96 -28.94 3.91
CA GLU B 341 -15.20 -30.33 4.25
C GLU B 341 -14.73 -30.68 5.64
N ALA B 342 -13.60 -30.10 6.09
CA ALA B 342 -13.10 -30.44 7.43
C ALA B 342 -14.11 -30.06 8.54
N LEU B 343 -14.75 -28.90 8.41
CA LEU B 343 -15.72 -28.45 9.38
C LEU B 343 -16.92 -29.39 9.49
N LEU B 344 -17.14 -30.28 8.53
CA LEU B 344 -18.23 -31.31 8.68
C LEU B 344 -17.73 -32.61 9.32
N HIS B 345 -16.42 -32.69 9.58
CA HIS B 345 -15.85 -33.92 10.08
C HIS B 345 -16.47 -34.30 11.38
N PRO B 346 -16.74 -35.61 11.57
CA PRO B 346 -17.31 -36.10 12.83
C PRO B 346 -16.51 -35.70 14.08
N PHE B 347 -15.21 -35.46 13.93
CA PHE B 347 -14.36 -35.11 15.11
C PHE B 347 -14.93 -33.92 15.79
N PHE B 348 -15.52 -33.03 15.01
CA PHE B 348 -16.11 -31.82 15.52
C PHE B 348 -17.46 -31.99 16.21
N ALA B 349 -18.03 -33.20 16.15
CA ALA B 349 -19.25 -33.50 16.94
C ALA B 349 -19.04 -33.29 18.46
N GLY B 350 -17.79 -33.37 18.91
CA GLY B 350 -17.51 -33.19 20.34
C GLY B 350 -17.37 -31.77 20.86
N LEU B 351 -17.50 -30.76 20.03
CA LEU B 351 -17.50 -29.41 20.56
C LEU B 351 -18.68 -29.16 21.51
N THR B 352 -18.54 -28.30 22.51
CA THR B 352 -19.74 -27.85 23.19
C THR B 352 -20.50 -26.89 22.29
N PRO B 353 -21.76 -26.65 22.61
CA PRO B 353 -22.53 -25.59 21.98
C PRO B 353 -21.83 -24.19 21.93
N GLU B 354 -21.28 -23.75 23.04
CA GLU B 354 -20.60 -22.44 23.11
C GLU B 354 -19.34 -22.39 22.22
N GLU B 355 -18.63 -23.50 22.15
CA GLU B 355 -17.49 -23.63 21.30
C GLU B 355 -17.84 -23.60 19.81
N ARG B 356 -18.98 -24.20 19.46
CA ARG B 356 -19.43 -24.24 18.09
CA ARG B 356 -19.43 -24.24 18.09
C ARG B 356 -19.88 -22.84 17.62
N SER B 357 -20.37 -22.02 18.52
CA SER B 357 -20.81 -20.68 18.12
C SER B 357 -19.76 -19.57 18.34
N PHE B 358 -18.57 -19.94 18.78
CA PHE B 358 -17.54 -18.92 19.10
C PHE B 358 -18.03 -18.01 20.22
N HIS B 359 -18.76 -18.56 21.21
CA HIS B 359 -19.29 -17.70 22.26
C HIS B 359 -18.59 -18.03 23.54
N THR B 360 -17.25 -18.10 23.43
CA THR B 360 -16.34 -18.58 24.50
C THR B 360 -15.53 -17.44 25.15
#